data_6HTW
#
_entry.id   6HTW
#
_cell.length_a   82.203
_cell.length_b   106.122
_cell.length_c   112.472
_cell.angle_alpha   90.000
_cell.angle_beta   90.000
_cell.angle_gamma   90.000
#
_symmetry.space_group_name_H-M   'P 21 21 2'
#
loop_
_entity.id
_entity.type
_entity.pdbx_description
1 polymer 'Elongation Factor Tu'
2 non-polymer "GUANOSINE-5'-DIPHOSPHATE"
3 non-polymer 'MAGNESIUM ION'
4 water water
#
_entity_poly.entity_id   1
_entity_poly.type   'polypeptide(L)'
_entity_poly.pdbx_seq_one_letter_code
;KPHVNIGTIGHVDHGKTTLTAAITKTLAAKGKAEARAYDQIDKAPEEKARGITINTAHVEYETENRHYAHVDCPGHADYV
KNMITGAAQMDGAILVVSAADGPMPQTREHILLARQVGVPYIVVFLNKCDMVDDEELLELVEMEVRELLSEYEFPGDDIP
IIRGSALKALEGENEWVDKIWELMDAVDSYIPTPERDVDKPFLMPVEDVFTITGRGTVATGRVERGTVKVGDEVEIVGLR
DTRKTVVTGVEMFRKLLDEGMAGDNVGVLLRGIQREDVERGQVLAKPGSIKPHTKFEAEVYVLTKEEGGRHTPFFNGYRP
QFYFRTTDVTGVITLPEGVEMVMPGDNVTMTVELIHPIAMEEGLRFAIREGGRTVGAGVVSKIIE
;
_entity_poly.pdbx_strand_id   H,B
#
loop_
_chem_comp.id
_chem_comp.type
_chem_comp.name
_chem_comp.formula
GDP RNA linking GUANOSINE-5'-DIPHOSPHATE 'C10 H15 N5 O11 P2'
MG non-polymer 'MAGNESIUM ION' 'Mg 2'
#
# COMPACT_ATOMS: atom_id res chain seq x y z
N LYS A 1 -26.35 -3.64 2.66
CA LYS A 1 -26.92 -4.33 1.43
C LYS A 1 -25.77 -4.97 0.66
N PRO A 2 -25.92 -6.25 0.24
CA PRO A 2 -24.76 -6.92 -0.42
C PRO A 2 -24.09 -6.17 -1.60
N HIS A 3 -22.81 -6.47 -1.81
CA HIS A 3 -22.03 -5.91 -2.92
C HIS A 3 -21.75 -7.01 -3.97
N VAL A 4 -21.82 -6.61 -5.25
CA VAL A 4 -21.56 -7.54 -6.33
C VAL A 4 -20.70 -6.80 -7.36
N ASN A 5 -19.75 -7.55 -7.95
CA ASN A 5 -18.91 -7.03 -9.01
C ASN A 5 -19.50 -7.49 -10.34
N ILE A 6 -19.68 -6.58 -11.28
CA ILE A 6 -20.16 -6.98 -12.59
C ILE A 6 -19.48 -6.14 -13.61
N GLY A 7 -19.82 -6.39 -14.86
CA GLY A 7 -19.48 -5.46 -15.91
C GLY A 7 -20.15 -5.79 -17.21
N THR A 8 -19.82 -5.01 -18.24
CA THR A 8 -20.36 -5.12 -19.56
C THR A 8 -19.39 -5.77 -20.49
N ILE A 9 -19.85 -6.79 -21.14
CA ILE A 9 -19.13 -7.39 -22.22
C ILE A 9 -19.92 -7.32 -23.49
N GLY A 10 -19.24 -7.52 -24.61
CA GLY A 10 -19.80 -7.72 -25.93
C GLY A 10 -19.06 -6.89 -26.98
N HIS A 11 -19.49 -7.01 -28.22
CA HIS A 11 -18.82 -6.40 -29.39
C HIS A 11 -18.75 -4.86 -29.35
N VAL A 12 -17.70 -4.34 -29.98
CA VAL A 12 -17.48 -2.91 -30.04
C VAL A 12 -18.69 -2.18 -30.70
N ASP A 13 -19.03 -1.05 -30.11
CA ASP A 13 -20.16 -0.19 -30.52
C ASP A 13 -21.58 -0.73 -30.25
N HIS A 14 -21.69 -1.92 -29.64
CA HIS A 14 -23.01 -2.51 -29.40
C HIS A 14 -23.70 -1.80 -28.28
N GLY A 15 -22.93 -1.15 -27.39
CA GLY A 15 -23.51 -0.19 -26.47
C GLY A 15 -23.22 -0.23 -25.02
N LYS A 16 -22.04 -0.77 -24.67
CA LYS A 16 -21.71 -1.04 -23.30
C LYS A 16 -21.50 0.19 -22.52
N THR A 17 -20.79 1.13 -23.16
CA THR A 17 -20.50 2.40 -22.49
C THR A 17 -21.83 3.18 -22.28
N THR A 18 -22.62 3.28 -23.31
CA THR A 18 -23.98 3.92 -23.15
C THR A 18 -24.85 3.24 -22.10
N LEU A 19 -24.89 1.90 -22.14
CA LEU A 19 -25.68 1.15 -21.11
C LEU A 19 -25.18 1.48 -19.72
N THR A 20 -23.86 1.42 -19.56
CA THR A 20 -23.22 1.76 -18.29
C THR A 20 -23.73 3.13 -17.82
N ALA A 21 -23.68 4.13 -18.70
CA ALA A 21 -24.17 5.49 -18.31
C ALA A 21 -25.69 5.52 -18.00
N ALA A 22 -26.46 4.79 -18.82
CA ALA A 22 -27.93 4.74 -18.60
C ALA A 22 -28.25 4.05 -17.32
N ILE A 23 -27.50 3.01 -16.97
CA ILE A 23 -27.71 2.39 -15.67
C ILE A 23 -27.42 3.39 -14.55
N THR A 24 -26.33 4.13 -14.63
CA THR A 24 -25.97 4.99 -13.46
C THR A 24 -26.99 6.11 -13.26
N LYS A 25 -27.38 6.78 -14.38
CA LYS A 25 -28.43 7.82 -14.43
C LYS A 25 -29.77 7.33 -13.87
N THR A 26 -30.38 6.31 -14.48
CA THR A 26 -31.43 5.52 -13.84
C THR A 26 -30.84 5.07 -12.47
N LEU A 27 -31.63 4.68 -11.47
CA LEU A 27 -31.04 4.40 -10.10
C LEU A 27 -30.41 5.61 -9.35
N THR A 56 -11.32 0.63 -18.63
CA THR A 56 -11.55 0.18 -17.25
C THR A 56 -12.16 1.34 -16.39
N ALA A 57 -13.22 1.97 -16.91
CA ALA A 57 -13.98 3.02 -16.16
C ALA A 57 -14.87 2.33 -15.14
N HIS A 58 -14.48 2.42 -13.88
CA HIS A 58 -15.21 1.80 -12.77
C HIS A 58 -16.35 2.75 -12.44
N VAL A 59 -17.50 2.19 -12.11
CA VAL A 59 -18.57 2.96 -11.53
C VAL A 59 -19.17 2.12 -10.44
N GLU A 60 -19.86 2.77 -9.52
CA GLU A 60 -20.63 2.09 -8.51
C GLU A 60 -22.05 2.63 -8.63
N TYR A 61 -23.01 1.81 -8.22
CA TYR A 61 -24.40 2.17 -8.23
C TYR A 61 -25.09 1.12 -7.40
N GLU A 62 -26.32 1.39 -7.04
CA GLU A 62 -27.09 0.45 -6.25
C GLU A 62 -28.54 0.36 -6.68
N THR A 63 -29.09 -0.76 -6.28
CA THR A 63 -30.38 -1.24 -6.63
C THR A 63 -31.02 -1.11 -5.26
N GLU A 64 -32.23 -1.60 -5.08
CA GLU A 64 -32.89 -1.55 -3.77
C GLU A 64 -32.20 -2.49 -2.79
N ASN A 65 -31.90 -3.71 -3.21
CA ASN A 65 -31.27 -4.75 -2.35
C ASN A 65 -29.77 -5.05 -2.47
N ARG A 66 -29.04 -4.26 -3.25
CA ARG A 66 -27.66 -4.61 -3.60
C ARG A 66 -26.90 -3.41 -4.09
N HIS A 67 -25.62 -3.39 -3.74
CA HIS A 67 -24.66 -2.40 -4.24
C HIS A 67 -23.81 -3.05 -5.36
N TYR A 68 -23.46 -2.28 -6.40
CA TYR A 68 -22.75 -2.84 -7.53
C TYR A 68 -21.49 -2.06 -7.78
N ALA A 69 -20.40 -2.79 -8.11
CA ALA A 69 -19.25 -2.17 -8.81
C ALA A 69 -19.20 -2.70 -10.23
N HIS A 70 -18.94 -1.82 -11.19
CA HIS A 70 -19.21 -2.11 -12.57
C HIS A 70 -18.07 -1.66 -13.44
N VAL A 71 -17.56 -2.57 -14.27
CA VAL A 71 -16.48 -2.25 -15.17
C VAL A 71 -16.90 -2.25 -16.60
N ASP A 72 -16.41 -1.25 -17.31
CA ASP A 72 -16.64 -1.05 -18.69
C ASP A 72 -15.26 -0.66 -19.27
N CYS A 73 -14.64 -1.60 -19.96
CA CYS A 73 -13.34 -1.38 -20.60
C CYS A 73 -13.52 -0.82 -22.01
N PRO A 74 -12.56 -0.01 -22.51
CA PRO A 74 -12.58 0.42 -23.92
C PRO A 74 -12.06 -0.54 -24.99
N GLY A 75 -12.49 -1.80 -25.01
CA GLY A 75 -12.16 -2.72 -26.11
C GLY A 75 -10.83 -3.47 -26.01
N HIS A 76 -10.74 -4.53 -26.84
CA HIS A 76 -9.52 -5.30 -27.07
C HIS A 76 -8.90 -5.85 -25.81
N ALA A 77 -7.60 -5.61 -25.67
CA ALA A 77 -6.80 -6.19 -24.62
C ALA A 77 -7.23 -5.81 -23.21
N ASP A 78 -8.00 -4.72 -23.05
CA ASP A 78 -8.43 -4.26 -21.73
C ASP A 78 -9.39 -5.28 -21.02
N TYR A 79 -10.28 -5.87 -21.83
CA TYR A 79 -11.20 -6.94 -21.40
C TYR A 79 -10.36 -8.18 -20.96
N VAL A 80 -9.49 -8.64 -21.85
CA VAL A 80 -8.58 -9.76 -21.61
C VAL A 80 -7.82 -9.67 -20.27
N LYS A 81 -7.27 -8.50 -19.97
CA LYS A 81 -6.45 -8.32 -18.81
C LYS A 81 -7.20 -8.04 -17.55
N ASN A 82 -8.32 -7.33 -17.64
CA ASN A 82 -9.15 -7.25 -16.47
C ASN A 82 -9.72 -8.63 -16.17
N MET A 83 -10.06 -9.41 -17.19
CA MET A 83 -10.73 -10.67 -16.91
C MET A 83 -9.72 -11.74 -16.42
N ILE A 84 -8.48 -11.71 -16.91
CA ILE A 84 -7.42 -12.64 -16.42
C ILE A 84 -6.78 -12.19 -15.08
N THR A 85 -6.60 -10.87 -14.86
CA THR A 85 -5.81 -10.29 -13.75
C THR A 85 -6.38 -9.05 -13.07
N GLY A 86 -7.68 -8.77 -13.19
CA GLY A 86 -8.24 -7.50 -12.75
C GLY A 86 -8.40 -7.26 -11.26
N ALA A 87 -8.54 -5.99 -10.89
CA ALA A 87 -8.83 -5.59 -9.52
C ALA A 87 -10.02 -6.28 -8.86
N ALA A 88 -11.06 -6.61 -9.65
CA ALA A 88 -12.34 -7.14 -9.13
C ALA A 88 -12.58 -8.66 -9.17
N GLN A 89 -12.60 -9.26 -10.36
CA GLN A 89 -13.12 -10.66 -10.55
C GLN A 89 -14.64 -10.62 -10.61
N MET A 90 -15.21 -10.55 -11.83
CA MET A 90 -16.67 -10.47 -12.07
C MET A 90 -17.53 -11.64 -11.53
N ASP A 91 -18.50 -11.29 -10.70
CA ASP A 91 -19.47 -12.23 -10.13
C ASP A 91 -20.59 -12.48 -11.18
N GLY A 92 -20.70 -11.57 -12.14
CA GLY A 92 -21.55 -11.84 -13.31
C GLY A 92 -21.27 -10.79 -14.34
N ALA A 93 -21.70 -11.05 -15.58
CA ALA A 93 -21.49 -10.10 -16.63
C ALA A 93 -22.83 -9.79 -17.34
N ILE A 94 -22.96 -8.57 -17.79
CA ILE A 94 -24.01 -8.15 -18.74
C ILE A 94 -23.47 -8.19 -20.10
N LEU A 95 -23.95 -9.14 -20.89
CA LEU A 95 -23.56 -9.21 -22.29
C LEU A 95 -24.49 -8.23 -23.06
N VAL A 96 -23.90 -7.22 -23.67
CA VAL A 96 -24.61 -6.28 -24.53
C VAL A 96 -24.54 -6.79 -25.96
N VAL A 97 -25.70 -6.94 -26.61
CA VAL A 97 -25.76 -7.37 -27.98
C VAL A 97 -26.72 -6.39 -28.71
N SER A 98 -26.27 -5.79 -29.80
CA SER A 98 -27.06 -4.79 -30.55
C SER A 98 -28.06 -5.59 -31.38
N ALA A 99 -29.34 -5.22 -31.25
CA ALA A 99 -30.41 -5.83 -32.05
C ALA A 99 -30.22 -5.60 -33.55
N ALA A 100 -29.59 -4.49 -33.90
CA ALA A 100 -29.40 -4.12 -35.28
C ALA A 100 -28.35 -5.00 -35.94
N ASP A 101 -27.34 -5.45 -35.16
CA ASP A 101 -26.19 -6.22 -35.71
C ASP A 101 -26.19 -7.73 -35.46
N GLY A 102 -26.83 -8.16 -34.36
CA GLY A 102 -26.77 -9.55 -33.93
C GLY A 102 -25.42 -9.87 -33.29
N PRO A 103 -25.20 -11.13 -32.93
CA PRO A 103 -23.90 -11.45 -32.36
C PRO A 103 -22.76 -11.28 -33.41
N MET A 104 -21.70 -10.55 -33.05
CA MET A 104 -20.49 -10.37 -33.87
C MET A 104 -19.29 -11.14 -33.23
N PRO A 105 -18.07 -11.09 -33.84
CA PRO A 105 -17.01 -12.01 -33.32
C PRO A 105 -16.50 -11.69 -31.93
N GLN A 106 -16.50 -10.44 -31.52
CA GLN A 106 -16.17 -10.12 -30.14
C GLN A 106 -17.26 -10.54 -29.14
N THR A 107 -18.49 -10.73 -29.61
CA THR A 107 -19.57 -11.27 -28.78
C THR A 107 -19.16 -12.69 -28.38
N ARG A 108 -18.80 -13.47 -29.40
CA ARG A 108 -18.31 -14.81 -29.21
C ARG A 108 -17.05 -14.83 -28.35
N GLU A 109 -16.06 -13.98 -28.71
CA GLU A 109 -14.78 -13.95 -27.98
C GLU A 109 -14.98 -13.70 -26.51
N HIS A 110 -15.89 -12.76 -26.19
CA HIS A 110 -16.16 -12.45 -24.82
C HIS A 110 -16.90 -13.54 -24.07
N ILE A 111 -17.79 -14.27 -24.74
CA ILE A 111 -18.49 -15.36 -24.06
C ILE A 111 -17.47 -16.47 -23.72
N LEU A 112 -16.72 -16.89 -24.76
CA LEU A 112 -15.59 -17.81 -24.57
C LEU A 112 -14.65 -17.41 -23.42
N LEU A 113 -14.20 -16.16 -23.39
CA LEU A 113 -13.34 -15.65 -22.31
C LEU A 113 -13.97 -15.81 -20.96
N ALA A 114 -15.25 -15.43 -20.88
CA ALA A 114 -15.99 -15.51 -19.62
C ALA A 114 -16.05 -16.91 -19.09
N ARG A 115 -16.25 -17.86 -19.98
CA ARG A 115 -16.23 -19.25 -19.58
C ARG A 115 -14.79 -19.54 -19.08
N GLN A 116 -13.80 -19.14 -19.86
CA GLN A 116 -12.39 -19.50 -19.52
C GLN A 116 -11.96 -19.01 -18.16
N VAL A 117 -12.25 -17.74 -17.83
CA VAL A 117 -11.88 -17.15 -16.54
C VAL A 117 -12.84 -17.38 -15.39
N GLY A 118 -13.91 -18.15 -15.58
CA GLY A 118 -14.88 -18.50 -14.54
C GLY A 118 -16.00 -17.48 -14.24
N VAL A 119 -16.41 -16.62 -15.17
CA VAL A 119 -17.55 -15.70 -14.87
C VAL A 119 -18.77 -16.59 -14.67
N PRO A 120 -19.37 -16.51 -13.47
CA PRO A 120 -20.38 -17.52 -13.17
C PRO A 120 -21.76 -17.37 -13.83
N TYR A 121 -22.17 -16.16 -14.15
CA TYR A 121 -23.52 -15.91 -14.73
C TYR A 121 -23.47 -14.72 -15.64
N ILE A 122 -24.37 -14.79 -16.64
CA ILE A 122 -24.52 -13.77 -17.68
C ILE A 122 -26.01 -13.44 -17.81
N VAL A 123 -26.30 -12.15 -17.84
CA VAL A 123 -27.60 -11.60 -18.27
C VAL A 123 -27.33 -10.89 -19.60
N VAL A 124 -28.28 -10.93 -20.54
CA VAL A 124 -28.12 -10.25 -21.82
C VAL A 124 -28.99 -8.99 -21.88
N PHE A 125 -28.42 -7.91 -22.37
CA PHE A 125 -29.15 -6.72 -22.72
C PHE A 125 -29.09 -6.62 -24.20
N LEU A 126 -30.23 -6.84 -24.80
CA LEU A 126 -30.39 -6.72 -26.23
C LEU A 126 -30.66 -5.25 -26.51
N ASN A 127 -29.64 -4.57 -27.01
CA ASN A 127 -29.66 -3.09 -27.12
C ASN A 127 -30.09 -2.64 -28.50
N LYS A 128 -30.31 -1.32 -28.62
CA LYS A 128 -30.67 -0.70 -29.91
C LYS A 128 -32.02 -1.19 -30.46
N CYS A 129 -32.90 -1.59 -29.54
CA CYS A 129 -34.24 -2.06 -29.94
C CYS A 129 -35.14 -0.87 -30.47
N ASP A 130 -34.75 0.36 -30.15
CA ASP A 130 -35.26 1.56 -30.81
C ASP A 130 -35.03 1.58 -32.32
N MET A 131 -33.99 0.89 -32.80
CA MET A 131 -33.70 0.77 -34.23
C MET A 131 -34.32 -0.48 -34.89
N VAL A 132 -34.88 -1.40 -34.14
CA VAL A 132 -35.40 -2.64 -34.75
C VAL A 132 -36.74 -2.94 -34.09
N ASP A 133 -37.82 -2.72 -34.82
CA ASP A 133 -39.16 -2.94 -34.24
C ASP A 133 -39.83 -4.21 -34.72
N ASP A 134 -39.28 -4.91 -35.73
CA ASP A 134 -39.87 -6.18 -36.17
C ASP A 134 -39.61 -7.22 -35.04
N GLU A 135 -40.64 -7.51 -34.23
CA GLU A 135 -40.64 -8.62 -33.26
C GLU A 135 -39.98 -9.87 -33.83
N GLU A 136 -40.34 -10.26 -35.06
CA GLU A 136 -39.74 -11.44 -35.73
C GLU A 136 -38.19 -11.33 -35.83
N LEU A 137 -37.69 -10.16 -36.19
CA LEU A 137 -36.25 -9.86 -36.23
C LEU A 137 -35.63 -9.94 -34.80
N LEU A 138 -36.34 -9.44 -33.79
CA LEU A 138 -35.82 -9.51 -32.41
C LEU A 138 -35.71 -10.97 -31.94
N GLU A 139 -36.72 -11.78 -32.24
CA GLU A 139 -36.67 -13.21 -31.87
C GLU A 139 -35.52 -14.00 -32.56
N LEU A 140 -35.24 -13.71 -33.83
CA LEU A 140 -34.07 -14.25 -34.55
C LEU A 140 -32.81 -13.95 -33.77
N VAL A 141 -32.56 -12.68 -33.43
CA VAL A 141 -31.35 -12.31 -32.71
C VAL A 141 -31.24 -13.00 -31.37
N GLU A 142 -32.35 -13.03 -30.63
CA GLU A 142 -32.50 -13.78 -29.42
C GLU A 142 -32.17 -15.28 -29.52
N MET A 143 -32.70 -15.94 -30.50
CA MET A 143 -32.35 -17.37 -30.74
C MET A 143 -30.85 -17.59 -30.92
N GLU A 144 -30.21 -16.74 -31.72
CA GLU A 144 -28.79 -16.87 -31.98
C GLU A 144 -27.92 -16.57 -30.76
N VAL A 145 -28.35 -15.63 -29.92
CA VAL A 145 -27.59 -15.31 -28.70
C VAL A 145 -27.64 -16.49 -27.75
N ARG A 146 -28.81 -17.08 -27.62
CA ARG A 146 -29.01 -18.22 -26.73
C ARG A 146 -28.16 -19.42 -27.20
N GLU A 147 -28.23 -19.73 -28.49
CA GLU A 147 -27.39 -20.77 -29.09
C GLU A 147 -25.88 -20.51 -28.84
N LEU A 148 -25.40 -19.31 -29.14
CA LEU A 148 -24.02 -18.93 -28.86
C LEU A 148 -23.66 -19.08 -27.38
N LEU A 149 -24.51 -18.63 -26.45
CA LEU A 149 -24.23 -18.86 -25.04
C LEU A 149 -24.17 -20.35 -24.73
N SER A 150 -25.09 -21.12 -25.29
CA SER A 150 -25.10 -22.58 -25.01
C SER A 150 -23.91 -23.38 -25.66
N GLU A 151 -23.30 -22.83 -26.70
CA GLU A 151 -22.13 -23.42 -27.39
C GLU A 151 -20.86 -23.32 -26.57
N TYR A 152 -20.83 -22.42 -25.60
CA TYR A 152 -19.81 -22.44 -24.54
C TYR A 152 -20.66 -23.15 -23.50
N GLU A 153 -20.56 -22.99 -22.22
CA GLU A 153 -21.47 -23.90 -21.50
C GLU A 153 -22.41 -23.16 -20.63
N PHE A 154 -22.79 -21.97 -21.10
CA PHE A 154 -23.72 -21.19 -20.31
C PHE A 154 -25.10 -21.73 -20.63
N PRO A 155 -26.02 -21.62 -19.68
CA PRO A 155 -27.36 -22.15 -19.97
C PRO A 155 -28.17 -21.16 -20.83
N GLY A 156 -28.00 -21.23 -22.13
CA GLY A 156 -28.63 -20.28 -23.06
C GLY A 156 -30.15 -20.19 -22.96
N ASP A 157 -30.83 -21.28 -22.60
CA ASP A 157 -32.30 -21.29 -22.57
C ASP A 157 -32.81 -20.64 -21.29
N ASP A 158 -31.99 -20.51 -20.25
CA ASP A 158 -32.45 -19.86 -19.01
C ASP A 158 -31.91 -18.45 -18.75
N ILE A 159 -30.95 -17.98 -19.55
CA ILE A 159 -30.40 -16.65 -19.30
C ILE A 159 -31.45 -15.57 -19.66
N PRO A 160 -31.66 -14.55 -18.79
CA PRO A 160 -32.55 -13.44 -19.09
C PRO A 160 -32.02 -12.59 -20.23
N ILE A 161 -32.89 -12.33 -21.21
CA ILE A 161 -32.61 -11.42 -22.27
C ILE A 161 -33.58 -10.26 -22.15
N ILE A 162 -33.07 -9.08 -21.90
CA ILE A 162 -33.87 -7.88 -21.71
C ILE A 162 -33.74 -7.06 -22.91
N ARG A 163 -34.87 -6.75 -23.55
CA ARG A 163 -34.90 -5.84 -24.70
C ARG A 163 -34.86 -4.40 -24.25
N GLY A 164 -33.99 -3.63 -24.88
CA GLY A 164 -33.83 -2.25 -24.52
C GLY A 164 -33.14 -1.30 -25.51
N SER A 165 -33.02 -0.05 -25.04
CA SER A 165 -32.26 1.01 -25.77
C SER A 165 -31.57 1.79 -24.70
N ALA A 166 -30.25 1.61 -24.61
CA ALA A 166 -29.48 2.38 -23.61
C ALA A 166 -29.51 3.89 -24.00
N LEU A 167 -29.41 4.18 -25.30
CA LEU A 167 -29.35 5.58 -25.79
C LEU A 167 -30.62 6.33 -25.38
N LYS A 168 -31.78 5.77 -25.78
CA LYS A 168 -33.08 6.41 -25.52
C LYS A 168 -33.40 6.45 -24.04
N ALA A 169 -32.84 5.50 -23.29
CA ALA A 169 -32.96 5.52 -21.85
C ALA A 169 -32.12 6.64 -21.27
N LEU A 170 -30.89 6.78 -21.74
CA LEU A 170 -30.00 7.82 -21.22
C LEU A 170 -30.65 9.20 -21.46
N GLU A 171 -31.16 9.37 -22.69
CA GLU A 171 -32.00 10.50 -23.14
C GLU A 171 -33.38 10.62 -22.47
N GLY A 172 -33.65 9.93 -21.37
CA GLY A 172 -34.87 10.16 -20.60
C GLY A 172 -36.21 9.53 -20.97
N GLU A 173 -36.37 8.95 -22.18
CA GLU A 173 -37.69 8.31 -22.57
C GLU A 173 -38.14 7.22 -21.57
N ASN A 174 -39.31 7.39 -20.93
CA ASN A 174 -39.76 6.56 -19.78
C ASN A 174 -39.96 5.09 -20.17
N GLU A 175 -40.29 4.88 -21.45
CA GLU A 175 -40.48 3.59 -22.08
C GLU A 175 -39.21 2.71 -21.92
N TRP A 176 -38.09 3.33 -22.30
CA TRP A 176 -36.79 2.68 -22.32
C TRP A 176 -36.07 2.71 -20.95
N VAL A 177 -36.33 3.74 -20.15
CA VAL A 177 -35.84 3.77 -18.76
C VAL A 177 -36.45 2.61 -18.02
N ASP A 178 -37.68 2.25 -18.36
CA ASP A 178 -38.32 1.11 -17.70
C ASP A 178 -37.55 -0.19 -17.95
N LYS A 179 -36.97 -0.31 -19.12
CA LYS A 179 -36.30 -1.58 -19.42
C LYS A 179 -34.89 -1.62 -18.65
N ILE A 180 -34.36 -0.45 -18.25
CA ILE A 180 -33.10 -0.44 -17.48
C ILE A 180 -33.45 -0.97 -16.15
N TRP A 181 -34.62 -0.59 -15.65
CA TRP A 181 -35.13 -1.21 -14.47
C TRP A 181 -35.34 -2.70 -14.58
N GLU A 182 -35.90 -3.16 -15.70
CA GLU A 182 -36.11 -4.58 -15.87
C GLU A 182 -34.73 -5.34 -15.89
N LEU A 183 -33.77 -4.75 -16.58
CA LEU A 183 -32.43 -5.32 -16.63
C LEU A 183 -31.92 -5.44 -15.19
N MET A 184 -31.93 -4.35 -14.45
CA MET A 184 -31.45 -4.39 -13.06
C MET A 184 -32.24 -5.27 -12.13
N ASP A 185 -33.57 -5.40 -12.31
CA ASP A 185 -34.26 -6.49 -11.60
C ASP A 185 -33.78 -7.89 -11.96
N ALA A 186 -33.51 -8.12 -13.25
CA ALA A 186 -33.05 -9.44 -13.69
C ALA A 186 -31.61 -9.71 -13.10
N VAL A 187 -30.80 -8.66 -13.05
CA VAL A 187 -29.41 -8.71 -12.46
C VAL A 187 -29.51 -9.04 -10.97
N ASP A 188 -30.36 -8.31 -10.25
CA ASP A 188 -30.62 -8.60 -8.81
C ASP A 188 -31.00 -10.02 -8.55
N SER A 189 -31.84 -10.60 -9.40
CA SER A 189 -32.41 -11.89 -9.07
C SER A 189 -31.78 -13.06 -9.73
N TYR A 190 -31.16 -12.86 -10.90
CA TYR A 190 -30.59 -14.01 -11.58
C TYR A 190 -29.04 -14.20 -11.20
N ILE A 191 -28.31 -13.13 -10.92
CA ILE A 191 -26.83 -13.19 -10.68
C ILE A 191 -26.79 -13.28 -9.15
N PRO A 192 -26.58 -14.48 -8.59
CA PRO A 192 -26.55 -14.57 -7.10
C PRO A 192 -25.40 -13.78 -6.43
N THR A 193 -25.62 -13.40 -5.17
CA THR A 193 -24.62 -12.64 -4.41
C THR A 193 -23.54 -13.69 -4.11
N PRO A 194 -22.27 -13.36 -4.37
CA PRO A 194 -21.27 -14.45 -4.21
C PRO A 194 -21.18 -14.93 -2.75
N GLU A 195 -20.95 -16.22 -2.57
CA GLU A 195 -20.60 -16.80 -1.27
C GLU A 195 -19.51 -15.97 -0.57
N ARG A 196 -19.71 -15.54 0.67
CA ARG A 196 -18.69 -14.73 1.38
C ARG A 196 -17.48 -15.62 1.70
N ASP A 197 -16.31 -15.01 1.75
CA ASP A 197 -15.08 -15.81 1.96
C ASP A 197 -15.15 -16.60 3.29
N VAL A 198 -15.69 -16.00 4.32
CA VAL A 198 -15.85 -16.73 5.61
C VAL A 198 -16.71 -17.94 5.57
N ASP A 199 -17.57 -18.09 4.57
CA ASP A 199 -18.45 -19.25 4.46
C ASP A 199 -17.93 -20.36 3.67
N LYS A 200 -16.84 -20.13 2.95
CA LYS A 200 -16.22 -21.16 2.18
C LYS A 200 -15.42 -22.12 3.06
N PRO A 201 -15.14 -23.34 2.60
CA PRO A 201 -14.27 -24.31 3.23
C PRO A 201 -12.93 -23.66 3.55
N PHE A 202 -12.51 -23.85 4.81
CA PHE A 202 -11.22 -23.33 5.29
C PHE A 202 -10.08 -23.54 4.33
N LEU A 203 -9.32 -22.48 4.11
CA LEU A 203 -8.07 -22.56 3.34
C LEU A 203 -7.11 -21.45 3.80
N MET A 204 -5.88 -21.87 4.15
CA MET A 204 -4.76 -20.97 4.51
C MET A 204 -3.49 -21.39 3.78
N PRO A 205 -2.98 -20.53 2.93
CA PRO A 205 -1.72 -20.82 2.27
C PRO A 205 -0.63 -20.62 3.29
N VAL A 206 0.29 -21.57 3.35
CA VAL A 206 1.38 -21.53 4.31
C VAL A 206 2.45 -20.56 3.76
N GLU A 207 2.69 -19.47 4.47
CA GLU A 207 3.70 -18.49 4.17
C GLU A 207 5.10 -18.87 4.69
N ASP A 208 5.14 -19.36 5.88
CA ASP A 208 6.41 -19.74 6.49
C ASP A 208 6.14 -20.79 7.59
N VAL A 209 7.22 -21.41 8.03
CA VAL A 209 7.16 -22.43 9.02
C VAL A 209 8.43 -22.29 9.87
N PHE A 210 8.28 -22.20 11.18
CA PHE A 210 9.47 -22.02 12.04
C PHE A 210 9.11 -22.46 13.40
N THR A 211 10.13 -22.61 14.23
CA THR A 211 9.93 -22.97 15.60
C THR A 211 9.95 -21.78 16.52
N ILE A 212 8.96 -21.67 17.41
CA ILE A 212 9.02 -20.68 18.45
C ILE A 212 9.74 -21.31 19.66
N THR A 213 10.86 -20.70 20.09
CA THR A 213 11.69 -21.26 21.20
C THR A 213 10.87 -21.50 22.43
N GLY A 214 11.00 -22.71 23.01
CA GLY A 214 10.28 -23.06 24.18
C GLY A 214 8.88 -23.55 23.87
N ARG A 215 8.52 -23.59 22.61
CA ARG A 215 7.17 -23.96 22.25
C ARG A 215 7.17 -25.08 21.22
N GLY A 216 7.18 -24.72 19.97
CA GLY A 216 7.19 -25.69 18.90
C GLY A 216 6.95 -25.05 17.56
N THR A 217 6.59 -25.89 16.62
CA THR A 217 6.53 -25.49 15.23
C THR A 217 5.24 -24.73 14.94
N VAL A 218 5.36 -23.64 14.22
CA VAL A 218 4.18 -22.93 13.77
C VAL A 218 4.19 -22.79 12.28
N ALA A 219 3.03 -22.87 11.64
CA ALA A 219 2.88 -22.58 10.26
C ALA A 219 2.10 -21.29 10.16
N THR A 220 2.70 -20.29 9.53
CA THR A 220 2.04 -18.98 9.48
C THR A 220 1.44 -18.74 8.13
N GLY A 221 0.41 -17.93 8.12
CA GLY A 221 -0.14 -17.41 6.89
C GLY A 221 -1.35 -16.54 7.12
N ARG A 222 -1.93 -16.05 6.02
CA ARG A 222 -3.19 -15.30 6.11
C ARG A 222 -4.29 -16.19 5.62
N VAL A 223 -5.27 -16.40 6.49
CA VAL A 223 -6.38 -17.23 6.15
C VAL A 223 -7.06 -16.61 4.87
N GLU A 224 -7.20 -17.42 3.83
CA GLU A 224 -7.85 -16.98 2.56
C GLU A 224 -9.37 -17.11 2.66
N ARG A 225 -9.83 -18.24 3.18
CA ARG A 225 -11.24 -18.49 3.31
C ARG A 225 -11.60 -19.35 4.46
N GLY A 226 -12.82 -19.19 4.89
CA GLY A 226 -13.40 -19.96 5.97
C GLY A 226 -12.91 -19.58 7.39
N THR A 227 -12.96 -20.58 8.25
CA THR A 227 -12.71 -20.41 9.68
C THR A 227 -12.03 -21.68 10.14
N VAL A 228 -11.23 -21.51 11.22
CA VAL A 228 -10.52 -22.58 11.81
C VAL A 228 -10.60 -22.35 13.32
N LYS A 229 -10.69 -23.47 14.01
CA LYS A 229 -10.68 -23.48 15.48
C LYS A 229 -9.83 -24.67 15.96
N VAL A 230 -9.18 -24.46 17.11
CA VAL A 230 -8.45 -25.56 17.77
C VAL A 230 -9.37 -26.82 17.85
N GLY A 231 -8.80 -27.99 17.56
CA GLY A 231 -9.53 -29.27 17.49
C GLY A 231 -10.00 -29.65 16.07
N ASP A 232 -9.99 -28.71 15.10
CA ASP A 232 -10.38 -29.00 13.72
C ASP A 232 -9.38 -29.86 13.12
N GLU A 233 -9.83 -30.80 12.27
CA GLU A 233 -8.87 -31.52 11.43
C GLU A 233 -8.58 -30.63 10.21
N VAL A 234 -7.35 -30.63 9.74
CA VAL A 234 -7.01 -30.05 8.45
C VAL A 234 -6.16 -31.00 7.67
N GLU A 235 -6.14 -30.82 6.34
CA GLU A 235 -5.20 -31.39 5.50
C GLU A 235 -4.16 -30.38 5.07
N ILE A 236 -2.95 -30.87 4.87
CA ILE A 236 -1.83 -30.14 4.41
C ILE A 236 -1.67 -30.63 2.99
N VAL A 237 -2.00 -29.73 2.05
CA VAL A 237 -2.10 -30.10 0.66
C VAL A 237 -1.13 -29.40 -0.22
N GLY A 238 -0.54 -30.16 -1.16
CA GLY A 238 0.39 -29.63 -2.14
C GLY A 238 1.81 -30.06 -1.85
N LEU A 239 2.60 -30.15 -2.91
CA LEU A 239 4.05 -30.42 -2.91
C LEU A 239 4.47 -31.81 -2.62
N ARG A 240 3.71 -32.52 -1.77
CA ARG A 240 4.02 -33.85 -1.28
C ARG A 240 2.67 -34.49 -1.07
N ASP A 241 2.67 -35.78 -0.74
CA ASP A 241 1.41 -36.49 -0.45
C ASP A 241 0.63 -35.79 0.66
N THR A 242 -0.69 -35.70 0.53
CA THR A 242 -1.57 -35.01 1.49
C THR A 242 -1.50 -35.70 2.81
N ARG A 243 -1.50 -34.94 3.91
CA ARG A 243 -1.59 -35.52 5.25
C ARG A 243 -2.58 -34.77 6.04
N LYS A 244 -3.14 -35.44 7.04
CA LYS A 244 -4.19 -34.87 7.79
C LYS A 244 -3.69 -34.81 9.20
N THR A 245 -4.05 -33.76 9.93
CA THR A 245 -3.71 -33.68 11.37
C THR A 245 -4.75 -32.83 12.02
N VAL A 246 -4.57 -32.54 13.30
CA VAL A 246 -5.48 -31.76 14.09
C VAL A 246 -4.79 -30.43 14.50
N VAL A 247 -5.56 -29.34 14.46
CA VAL A 247 -5.12 -27.98 14.90
C VAL A 247 -5.04 -27.93 16.44
N THR A 248 -3.83 -27.67 16.94
CA THR A 248 -3.67 -27.54 18.40
C THR A 248 -3.51 -26.10 18.88
N GLY A 249 -3.35 -25.14 17.96
CA GLY A 249 -3.32 -23.72 18.32
C GLY A 249 -3.59 -22.85 17.10
N VAL A 250 -4.30 -21.76 17.32
CA VAL A 250 -4.38 -20.68 16.34
C VAL A 250 -4.09 -19.36 17.05
N GLU A 251 -3.08 -18.63 16.62
CA GLU A 251 -2.67 -17.40 17.31
C GLU A 251 -2.55 -16.22 16.42
N MET A 252 -3.16 -15.11 16.81
CA MET A 252 -2.88 -13.79 16.19
C MET A 252 -2.12 -13.03 17.25
N PHE A 253 -0.87 -12.73 16.93
CA PHE A 253 0.06 -12.23 17.88
C PHE A 253 -0.42 -11.13 18.83
N ARG A 254 -0.45 -11.44 20.10
CA ARG A 254 -0.93 -10.61 21.19
C ARG A 254 -2.36 -10.12 21.08
N LYS A 255 -3.19 -10.81 20.29
CA LYS A 255 -4.57 -10.34 20.02
C LYS A 255 -5.59 -11.45 20.18
N LEU A 256 -5.28 -12.66 19.74
CA LEU A 256 -6.33 -13.69 19.65
C LEU A 256 -5.72 -15.07 19.81
N LEU A 257 -6.50 -15.93 20.46
CA LEU A 257 -6.24 -17.36 20.57
C LEU A 257 -7.45 -18.19 20.04
N ASP A 258 -7.14 -19.39 19.60
CA ASP A 258 -8.04 -20.52 19.43
C ASP A 258 -8.84 -20.53 18.11
N GLU A 259 -9.05 -19.38 17.51
CA GLU A 259 -9.78 -19.30 16.24
C GLU A 259 -9.14 -18.28 15.30
N GLY A 260 -9.47 -18.45 14.02
CA GLY A 260 -9.09 -17.54 12.96
C GLY A 260 -10.09 -17.62 11.82
N MET A 261 -10.03 -16.63 10.97
CA MET A 261 -10.94 -16.53 9.87
C MET A 261 -10.31 -15.77 8.72
N ALA A 262 -11.00 -15.85 7.60
CA ALA A 262 -10.60 -15.23 6.38
C ALA A 262 -10.16 -13.80 6.64
N GLY A 263 -8.96 -13.48 6.21
CA GLY A 263 -8.37 -12.19 6.42
C GLY A 263 -7.37 -12.09 7.53
N ASP A 264 -7.39 -13.05 8.46
CA ASP A 264 -6.49 -13.01 9.64
C ASP A 264 -5.11 -13.49 9.30
N ASN A 265 -4.09 -12.78 9.82
CA ASN A 265 -2.73 -13.33 9.80
C ASN A 265 -2.52 -14.13 11.08
N VAL A 266 -2.30 -15.45 10.97
CA VAL A 266 -2.27 -16.33 12.15
C VAL A 266 -1.03 -17.23 12.12
N GLY A 267 -0.64 -17.72 13.28
CA GLY A 267 0.28 -18.86 13.35
C GLY A 267 -0.58 -20.04 13.77
N VAL A 268 -0.39 -21.15 13.09
CA VAL A 268 -1.16 -22.39 13.37
C VAL A 268 -0.18 -23.47 13.86
N LEU A 269 -0.54 -24.08 14.98
CA LEU A 269 0.16 -25.21 15.51
C LEU A 269 -0.65 -26.46 15.19
N LEU A 270 0.07 -27.52 14.88
CA LEU A 270 -0.50 -28.73 14.29
C LEU A 270 0.07 -29.98 14.99
N ARG A 271 -0.80 -30.87 15.39
CA ARG A 271 -0.35 -32.12 16.07
C ARG A 271 0.62 -32.94 15.21
N GLY A 272 1.83 -33.11 15.72
CA GLY A 272 2.77 -34.09 15.21
C GLY A 272 3.55 -33.56 14.05
N ILE A 273 3.49 -32.25 13.79
CA ILE A 273 4.06 -31.62 12.61
C ILE A 273 5.33 -30.87 12.99
N GLN A 274 6.47 -31.33 12.44
CA GLN A 274 7.72 -30.62 12.59
C GLN A 274 7.97 -29.86 11.35
N ARG A 275 9.11 -29.21 11.30
CA ARG A 275 9.42 -28.37 10.13
C ARG A 275 9.57 -29.16 8.81
N GLU A 276 10.03 -30.40 8.94
CA GLU A 276 10.09 -31.38 7.86
C GLU A 276 8.75 -31.80 7.36
N ASP A 277 7.66 -31.50 8.07
CA ASP A 277 6.33 -32.00 7.71
C ASP A 277 5.37 -30.95 7.09
N VAL A 278 5.78 -29.69 7.03
CA VAL A 278 4.92 -28.63 6.49
C VAL A 278 5.87 -27.58 5.96
N GLU A 279 5.55 -26.98 4.82
CA GLU A 279 6.44 -26.06 4.20
C GLU A 279 5.65 -25.03 3.50
N ARG A 280 6.34 -23.90 3.28
CA ARG A 280 5.86 -22.85 2.44
C ARG A 280 5.36 -23.34 1.08
N GLY A 281 4.16 -22.93 0.72
CA GLY A 281 3.58 -23.28 -0.59
C GLY A 281 2.54 -24.38 -0.51
N GLN A 282 2.54 -25.09 0.60
CA GLN A 282 1.42 -25.94 0.88
C GLN A 282 0.28 -25.11 1.40
N VAL A 283 -0.88 -25.73 1.51
CA VAL A 283 -2.03 -25.08 2.08
C VAL A 283 -2.59 -25.95 3.21
N LEU A 284 -3.21 -25.30 4.17
CA LEU A 284 -3.98 -25.95 5.21
C LEU A 284 -5.39 -25.81 4.72
N ALA A 285 -6.14 -26.89 4.76
CA ALA A 285 -7.52 -26.86 4.25
C ALA A 285 -8.41 -27.83 4.95
N LYS A 286 -9.68 -27.44 4.98
CA LYS A 286 -10.75 -28.41 5.33
C LYS A 286 -10.57 -29.75 4.56
N PRO A 287 -10.59 -30.87 5.30
CA PRO A 287 -10.24 -32.15 4.66
C PRO A 287 -11.16 -32.44 3.45
N GLY A 288 -10.56 -32.81 2.32
CA GLY A 288 -11.31 -33.15 1.10
C GLY A 288 -11.73 -32.00 0.25
N SER A 289 -11.50 -30.76 0.70
CA SER A 289 -12.07 -29.55 0.06
C SER A 289 -11.25 -29.06 -1.13
N ILE A 290 -9.99 -29.49 -1.23
CA ILE A 290 -9.14 -29.11 -2.29
C ILE A 290 -8.13 -30.18 -2.51
N LYS A 291 -7.77 -30.43 -3.76
CA LYS A 291 -6.82 -31.47 -4.09
C LYS A 291 -5.59 -30.93 -4.81
N PRO A 292 -4.49 -31.63 -4.71
CA PRO A 292 -3.29 -31.29 -5.43
C PRO A 292 -3.34 -31.76 -6.94
N HIS A 293 -2.79 -30.97 -7.86
CA HIS A 293 -2.72 -31.35 -9.27
C HIS A 293 -1.45 -30.84 -9.86
N THR A 294 -0.95 -31.54 -10.88
CA THR A 294 0.22 -31.13 -11.63
C THR A 294 -0.17 -30.64 -13.00
N LYS A 295 -1.37 -30.98 -13.49
CA LYS A 295 -1.71 -30.72 -14.88
C LYS A 295 -3.00 -29.96 -15.06
N PHE A 296 -2.98 -28.87 -15.83
CA PHE A 296 -4.17 -28.06 -16.01
C PHE A 296 -4.12 -27.24 -17.29
N GLU A 297 -5.27 -26.76 -17.72
CA GLU A 297 -5.39 -25.79 -18.79
C GLU A 297 -5.57 -24.49 -18.16
N ALA A 298 -5.05 -23.47 -18.76
CA ALA A 298 -5.23 -22.11 -18.26
C ALA A 298 -5.34 -21.15 -19.36
N GLU A 299 -6.00 -20.06 -19.07
CA GLU A 299 -6.00 -18.94 -19.97
C GLU A 299 -4.88 -18.00 -19.52
N VAL A 300 -3.94 -17.70 -20.44
CA VAL A 300 -2.80 -16.87 -20.11
C VAL A 300 -2.62 -15.66 -20.99
N TYR A 301 -2.35 -14.54 -20.38
CA TYR A 301 -2.02 -13.32 -21.03
C TYR A 301 -0.54 -13.14 -20.87
N VAL A 302 0.16 -12.89 -21.97
CA VAL A 302 1.63 -12.66 -21.93
C VAL A 302 1.91 -11.18 -21.80
N LEU A 303 2.58 -10.81 -20.73
CA LEU A 303 2.86 -9.40 -20.48
C LEU A 303 3.77 -8.82 -21.66
N THR A 304 3.58 -7.54 -21.96
CA THR A 304 4.54 -6.81 -22.82
C THR A 304 5.77 -6.38 -22.04
N LYS A 305 6.84 -6.01 -22.77
CA LYS A 305 8.06 -5.46 -22.16
C LYS A 305 7.72 -4.31 -21.29
N GLU A 306 6.87 -3.41 -21.81
CA GLU A 306 6.46 -2.19 -21.10
C GLU A 306 5.73 -2.52 -19.78
N GLU A 307 4.99 -3.64 -19.72
CA GLU A 307 4.31 -4.11 -18.49
C GLU A 307 5.23 -4.84 -17.52
N GLY A 308 6.52 -5.00 -17.83
CA GLY A 308 7.44 -5.73 -16.98
C GLY A 308 7.79 -7.11 -17.49
N GLY A 309 7.17 -7.53 -18.60
CA GLY A 309 7.41 -8.86 -19.23
C GLY A 309 8.65 -8.86 -20.13
N ARG A 310 8.83 -9.91 -20.91
CA ARG A 310 9.91 -9.96 -21.90
C ARG A 310 9.34 -9.66 -23.27
N HIS A 311 10.24 -9.32 -24.21
CA HIS A 311 9.82 -8.98 -25.57
C HIS A 311 9.72 -10.25 -26.40
N THR A 312 10.20 -11.35 -25.84
CA THR A 312 10.20 -12.62 -26.51
C THR A 312 8.94 -13.39 -26.26
N PRO A 313 8.54 -14.29 -27.19
CA PRO A 313 7.24 -15.00 -27.06
C PRO A 313 7.32 -16.27 -26.21
N PHE A 314 6.16 -16.79 -25.79
CA PHE A 314 6.06 -18.12 -25.20
C PHE A 314 6.14 -19.07 -26.36
N PHE A 315 6.50 -20.32 -26.09
CA PHE A 315 6.71 -21.35 -27.10
C PHE A 315 6.47 -22.67 -26.46
N ASN A 316 6.28 -23.72 -27.23
CA ASN A 316 6.14 -25.05 -26.68
C ASN A 316 7.36 -25.59 -25.98
N GLY A 317 7.20 -26.06 -24.75
CA GLY A 317 8.29 -26.57 -23.97
C GLY A 317 8.95 -25.53 -23.09
N TYR A 318 8.58 -24.26 -23.22
CA TYR A 318 9.03 -23.21 -22.25
C TYR A 318 8.72 -23.68 -20.82
N ARG A 319 9.67 -23.49 -19.90
CA ARG A 319 9.63 -24.08 -18.58
C ARG A 319 9.85 -22.98 -17.55
N PRO A 320 8.95 -21.99 -17.44
CA PRO A 320 9.10 -20.94 -16.46
C PRO A 320 8.62 -21.36 -15.07
N GLN A 321 8.65 -20.43 -14.13
CA GLN A 321 8.10 -20.67 -12.80
C GLN A 321 6.60 -20.24 -12.74
N PHE A 322 5.77 -21.06 -12.07
CA PHE A 322 4.36 -20.71 -11.84
C PHE A 322 4.15 -20.39 -10.36
N TYR A 323 3.65 -19.20 -10.08
CA TYR A 323 3.42 -18.70 -8.71
C TYR A 323 1.97 -18.82 -8.35
N PHE A 324 1.68 -19.79 -7.51
CA PHE A 324 0.32 -20.08 -7.04
C PHE A 324 0.36 -19.79 -5.54
N ARG A 325 -0.41 -18.81 -5.10
CA ARG A 325 -0.48 -18.38 -3.69
C ARG A 325 0.93 -18.09 -3.14
N THR A 326 1.48 -18.95 -2.28
CA THR A 326 2.78 -18.66 -1.66
C THR A 326 3.94 -19.52 -2.16
N THR A 327 3.80 -20.23 -3.26
CA THR A 327 5.06 -20.73 -3.79
C THR A 327 5.13 -20.74 -5.29
N ASP A 328 6.29 -21.16 -5.81
CA ASP A 328 6.54 -21.15 -7.20
C ASP A 328 7.08 -22.52 -7.54
N VAL A 329 6.62 -23.03 -8.66
CA VAL A 329 6.87 -24.41 -9.09
C VAL A 329 7.11 -24.33 -10.59
N THR A 330 8.16 -24.99 -11.04
CA THR A 330 8.42 -25.12 -12.46
C THR A 330 7.35 -25.90 -13.16
N GLY A 331 7.03 -25.39 -14.33
CA GLY A 331 6.05 -26.05 -15.16
C GLY A 331 6.41 -25.94 -16.65
N VAL A 332 6.01 -26.95 -17.41
CA VAL A 332 6.28 -26.96 -18.83
C VAL A 332 4.97 -26.61 -19.54
N ILE A 333 5.06 -25.67 -20.46
CA ILE A 333 3.95 -25.20 -21.26
C ILE A 333 3.85 -25.91 -22.62
N THR A 334 2.63 -26.33 -22.95
CA THR A 334 2.23 -26.73 -24.31
C THR A 334 1.14 -25.77 -24.85
N LEU A 335 1.34 -25.28 -26.06
CA LEU A 335 0.46 -24.33 -26.67
C LEU A 335 -0.60 -25.10 -27.48
N PRO A 336 -1.68 -24.44 -27.86
CA PRO A 336 -2.68 -25.18 -28.69
C PRO A 336 -2.11 -25.79 -30.03
N GLU A 337 -2.73 -26.90 -30.51
CA GLU A 337 -2.34 -27.62 -31.74
C GLU A 337 -2.12 -26.55 -32.81
N GLY A 338 -0.91 -26.55 -33.39
CA GLY A 338 -0.56 -25.65 -34.47
C GLY A 338 -0.34 -24.19 -34.11
N VAL A 339 -0.05 -23.91 -32.82
CA VAL A 339 0.45 -22.60 -32.36
C VAL A 339 1.91 -22.89 -31.93
N GLU A 340 2.87 -22.18 -32.52
CA GLU A 340 4.28 -22.34 -32.22
C GLU A 340 4.77 -21.29 -31.22
N MET A 341 4.11 -20.14 -31.18
CA MET A 341 4.48 -19.09 -30.22
C MET A 341 3.31 -18.18 -29.91
N VAL A 342 3.45 -17.46 -28.79
CA VAL A 342 2.54 -16.47 -28.36
C VAL A 342 3.28 -15.24 -27.98
N MET A 343 2.91 -14.15 -28.62
CA MET A 343 3.67 -12.91 -28.60
C MET A 343 3.18 -12.14 -27.37
N PRO A 344 4.03 -11.31 -26.76
CA PRO A 344 3.65 -10.39 -25.72
C PRO A 344 2.46 -9.59 -26.11
N GLY A 345 1.52 -9.43 -25.18
CA GLY A 345 0.28 -8.67 -25.40
C GLY A 345 -0.84 -9.52 -25.93
N ASP A 346 -0.54 -10.79 -26.25
CA ASP A 346 -1.50 -11.77 -26.71
C ASP A 346 -1.90 -12.72 -25.56
N ASN A 347 -2.95 -13.51 -25.78
CA ASN A 347 -3.41 -14.49 -24.78
C ASN A 347 -3.70 -15.73 -25.46
N VAL A 348 -3.68 -16.83 -24.75
CA VAL A 348 -3.98 -18.10 -25.32
C VAL A 348 -4.41 -19.05 -24.23
N THR A 349 -4.99 -20.18 -24.63
CA THR A 349 -5.21 -21.30 -23.74
C THR A 349 -4.03 -22.21 -23.83
N MET A 350 -3.38 -22.43 -22.69
CA MET A 350 -2.23 -23.33 -22.61
C MET A 350 -2.44 -24.47 -21.67
N THR A 351 -1.80 -25.56 -21.95
CA THR A 351 -1.73 -26.67 -21.04
C THR A 351 -0.41 -26.60 -20.32
N VAL A 352 -0.41 -26.95 -19.01
CA VAL A 352 0.75 -26.83 -18.14
C VAL A 352 0.94 -28.14 -17.39
N GLU A 353 2.19 -28.59 -17.24
CA GLU A 353 2.49 -29.68 -16.38
C GLU A 353 3.58 -29.24 -15.39
N LEU A 354 3.21 -29.17 -14.11
CA LEU A 354 4.10 -28.75 -13.04
C LEU A 354 5.02 -29.89 -12.61
N ILE A 355 6.23 -29.57 -12.13
CA ILE A 355 7.13 -30.63 -11.56
C ILE A 355 6.75 -31.12 -10.13
N HIS A 356 5.88 -30.39 -9.46
CA HIS A 356 5.34 -30.78 -8.19
C HIS A 356 3.87 -30.46 -8.18
N PRO A 357 3.06 -31.27 -7.49
CA PRO A 357 1.65 -30.90 -7.30
C PRO A 357 1.41 -29.67 -6.39
N ILE A 358 0.35 -28.96 -6.68
CA ILE A 358 -0.02 -27.76 -5.98
C ILE A 358 -1.50 -27.83 -5.77
N ALA A 359 -2.00 -27.39 -4.62
CA ALA A 359 -3.44 -27.30 -4.43
C ALA A 359 -4.03 -26.29 -5.37
N MET A 360 -5.07 -26.68 -6.14
CA MET A 360 -5.67 -25.75 -7.09
C MET A 360 -7.08 -26.16 -7.49
N GLU A 361 -7.86 -25.15 -7.86
CA GLU A 361 -9.21 -25.30 -8.35
C GLU A 361 -9.31 -24.52 -9.64
N GLU A 362 -10.34 -24.80 -10.41
CA GLU A 362 -10.72 -23.88 -11.50
C GLU A 362 -11.00 -22.51 -11.00
N GLY A 363 -10.51 -21.51 -11.74
CA GLY A 363 -10.70 -20.12 -11.40
C GLY A 363 -9.60 -19.51 -10.59
N LEU A 364 -8.66 -20.31 -10.10
CA LEU A 364 -7.51 -19.83 -9.40
C LEU A 364 -6.51 -19.02 -10.30
N ARG A 365 -6.19 -17.80 -9.91
CA ARG A 365 -5.23 -16.97 -10.63
C ARG A 365 -3.79 -17.34 -10.25
N PHE A 366 -2.89 -17.12 -11.19
CA PHE A 366 -1.47 -17.38 -10.93
C PHE A 366 -0.64 -16.43 -11.77
N ALA A 367 0.61 -16.25 -11.36
CA ALA A 367 1.58 -15.48 -12.14
C ALA A 367 2.62 -16.46 -12.73
N ILE A 368 3.21 -16.06 -13.85
CA ILE A 368 4.23 -16.87 -14.54
C ILE A 368 5.44 -15.96 -14.52
N ARG A 369 6.55 -16.48 -13.97
CA ARG A 369 7.73 -15.64 -13.75
C ARG A 369 8.94 -16.35 -14.29
N GLU A 370 9.90 -15.56 -14.74
CA GLU A 370 11.18 -16.20 -15.16
C GLU A 370 12.26 -15.18 -15.00
N GLY A 371 13.30 -15.61 -14.27
CA GLY A 371 14.29 -14.72 -13.70
C GLY A 371 13.56 -13.93 -12.61
N GLY A 372 13.74 -12.61 -12.66
CA GLY A 372 13.01 -11.69 -11.82
C GLY A 372 12.12 -10.86 -12.72
N ARG A 373 11.36 -11.51 -13.60
CA ARG A 373 10.36 -10.81 -14.40
C ARG A 373 9.05 -11.59 -14.44
N THR A 374 7.94 -10.89 -14.22
CA THR A 374 6.64 -11.46 -14.48
C THR A 374 6.37 -11.41 -15.96
N VAL A 375 6.34 -12.58 -16.57
CA VAL A 375 6.14 -12.73 -17.99
C VAL A 375 4.73 -13.05 -18.41
N GLY A 376 3.89 -13.57 -17.47
CA GLY A 376 2.51 -14.02 -17.81
C GLY A 376 1.61 -13.90 -16.60
N ALA A 377 0.32 -13.68 -16.84
CA ALA A 377 -0.75 -13.81 -15.82
C ALA A 377 -1.77 -14.83 -16.33
N GLY A 378 -2.23 -15.73 -15.45
CA GLY A 378 -3.08 -16.80 -15.85
C GLY A 378 -4.27 -17.04 -14.90
N VAL A 379 -5.20 -17.82 -15.37
CA VAL A 379 -6.25 -18.38 -14.53
C VAL A 379 -6.49 -19.80 -14.96
N VAL A 380 -6.57 -20.70 -13.98
CA VAL A 380 -6.81 -22.12 -14.25
C VAL A 380 -8.21 -22.28 -14.77
N SER A 381 -8.28 -22.89 -15.95
CA SER A 381 -9.54 -22.97 -16.67
C SER A 381 -10.09 -24.35 -16.64
N LYS A 382 -9.25 -25.35 -16.49
CA LYS A 382 -9.70 -26.71 -16.37
C LYS A 382 -8.63 -27.55 -15.76
N ILE A 383 -9.00 -28.45 -14.84
CA ILE A 383 -8.07 -29.37 -14.26
C ILE A 383 -8.10 -30.70 -15.03
N ILE A 384 -6.92 -31.27 -15.27
CA ILE A 384 -6.79 -32.48 -16.08
C ILE A 384 -6.69 -33.74 -15.22
N LYS B 1 9.68 -1.74 26.83
CA LYS B 1 8.77 -0.60 27.26
C LYS B 1 8.93 0.74 26.44
N PRO B 2 10.13 1.41 26.44
CA PRO B 2 10.14 2.65 25.61
C PRO B 2 9.82 2.33 24.12
N HIS B 3 9.12 3.23 23.44
CA HIS B 3 8.69 3.11 22.03
C HIS B 3 9.55 3.97 21.11
N VAL B 4 9.94 3.42 19.95
CA VAL B 4 10.97 4.04 19.06
C VAL B 4 10.58 3.87 17.64
N ASN B 5 10.54 4.95 16.88
CA ASN B 5 10.24 4.87 15.49
C ASN B 5 11.54 4.67 14.64
N ILE B 6 11.59 3.64 13.81
CA ILE B 6 12.76 3.41 12.96
C ILE B 6 12.33 2.98 11.63
N GLY B 7 13.28 2.74 10.77
CA GLY B 7 12.98 2.23 9.50
C GLY B 7 14.20 1.89 8.71
N THR B 8 13.98 1.27 7.57
CA THR B 8 15.03 0.80 6.70
C THR B 8 15.14 1.79 5.55
N ILE B 9 16.36 2.25 5.28
CA ILE B 9 16.68 3.17 4.20
C ILE B 9 17.83 2.61 3.43
N GLY B 10 18.03 3.09 2.20
CA GLY B 10 19.06 2.58 1.33
C GLY B 10 18.52 2.38 -0.12
N HIS B 11 19.46 2.11 -0.97
CA HIS B 11 19.19 2.04 -2.41
C HIS B 11 18.27 0.84 -2.71
N VAL B 12 17.45 1.06 -3.73
CA VAL B 12 16.63 -0.01 -4.30
C VAL B 12 17.41 -1.31 -4.55
N ASP B 13 16.74 -2.44 -4.18
CA ASP B 13 17.31 -3.81 -4.26
C ASP B 13 18.47 -4.15 -3.36
N HIS B 14 18.80 -3.29 -2.37
CA HIS B 14 19.88 -3.63 -1.49
C HIS B 14 19.47 -4.60 -0.40
N GLY B 15 18.19 -4.69 -0.15
CA GLY B 15 17.62 -5.67 0.74
C GLY B 15 16.87 -5.11 1.93
N LYS B 16 16.37 -3.87 1.87
CA LYS B 16 15.57 -3.33 2.92
C LYS B 16 14.35 -4.15 3.40
N THR B 17 13.54 -4.60 2.49
CA THR B 17 12.33 -5.33 2.77
C THR B 17 12.61 -6.73 3.19
N THR B 18 13.70 -7.32 2.68
CA THR B 18 14.05 -8.66 3.09
C THR B 18 14.61 -8.57 4.52
N LEU B 19 15.32 -7.49 4.83
CA LEU B 19 15.78 -7.30 6.21
C LEU B 19 14.61 -7.12 7.14
N THR B 20 13.61 -6.32 6.76
CA THR B 20 12.49 -6.01 7.59
C THR B 20 11.78 -7.34 7.89
N ALA B 21 11.54 -8.14 6.88
CA ALA B 21 10.92 -9.48 7.07
C ALA B 21 11.72 -10.39 7.99
N ALA B 22 13.02 -10.41 7.79
CA ALA B 22 13.95 -11.18 8.61
C ALA B 22 13.98 -10.76 10.09
N ILE B 23 13.87 -9.46 10.37
CA ILE B 23 13.81 -9.02 11.73
C ILE B 23 12.50 -9.55 12.34
N THR B 24 11.38 -9.38 11.64
CA THR B 24 10.10 -9.80 12.25
C THR B 24 10.10 -11.32 12.51
N LYS B 25 10.74 -12.07 11.65
CA LYS B 25 10.71 -13.55 11.79
C LYS B 25 11.66 -13.97 12.90
N THR B 26 12.84 -13.35 12.94
CA THR B 26 13.79 -13.58 14.03
C THR B 26 13.23 -13.35 15.39
N LEU B 27 12.59 -12.19 15.59
CA LEU B 27 11.99 -11.90 16.87
C LEU B 27 10.72 -12.70 17.10
N ALA B 28 10.02 -13.07 16.02
CA ALA B 28 8.83 -13.94 16.16
C ALA B 28 9.17 -15.32 16.79
N ALA B 29 10.29 -15.84 16.45
CA ALA B 29 10.80 -17.11 16.99
C ALA B 29 11.07 -17.05 18.47
N LYS B 30 11.19 -15.84 19.04
CA LYS B 30 11.29 -15.62 20.46
C LYS B 30 10.06 -15.02 21.07
N GLY B 31 8.93 -15.07 20.37
CA GLY B 31 7.67 -14.58 20.96
C GLY B 31 7.61 -13.05 21.14
N LYS B 32 8.35 -12.33 20.29
CA LYS B 32 8.55 -10.84 20.43
C LYS B 32 8.08 -10.09 19.20
N ALA B 33 7.49 -10.78 18.25
CA ALA B 33 6.87 -10.08 17.13
C ALA B 33 5.95 -10.99 16.46
N GLU B 34 5.08 -10.38 15.67
CA GLU B 34 4.40 -11.02 14.61
C GLU B 34 5.30 -11.21 13.38
N ALA B 35 5.45 -12.43 12.88
CA ALA B 35 6.21 -12.62 11.67
C ALA B 35 5.39 -12.06 10.50
N ARG B 36 6.02 -11.29 9.63
CA ARG B 36 5.31 -10.58 8.58
C ARG B 36 5.89 -11.03 7.31
N ALA B 37 4.98 -11.24 6.36
CA ALA B 37 5.33 -11.81 5.08
C ALA B 37 6.05 -10.77 4.27
N TYR B 38 7.14 -11.12 3.61
CA TYR B 38 7.84 -10.24 2.72
C TYR B 38 6.91 -9.56 1.72
N ASP B 39 6.13 -10.37 1.01
CA ASP B 39 5.20 -9.83 0.00
C ASP B 39 4.19 -8.88 0.62
N GLN B 40 3.76 -9.06 1.87
CA GLN B 40 2.83 -8.04 2.46
C GLN B 40 3.51 -6.67 2.83
N ILE B 41 4.78 -6.73 3.24
CA ILE B 41 5.59 -5.51 3.55
C ILE B 41 5.99 -4.90 2.21
N ASP B 42 6.48 -5.74 1.28
CA ASP B 42 6.85 -5.28 -0.06
C ASP B 42 5.69 -4.52 -0.82
N LYS B 43 4.49 -5.11 -0.88
CA LYS B 43 3.31 -4.50 -1.54
C LYS B 43 2.66 -3.52 -0.61
N ALA B 44 3.36 -2.44 -0.27
CA ALA B 44 2.94 -1.62 0.87
C ALA B 44 1.67 -0.88 0.51
N PRO B 45 0.72 -0.74 1.44
CA PRO B 45 -0.45 0.11 1.15
C PRO B 45 -0.13 1.58 0.89
N GLU B 46 -1.14 2.33 0.44
CA GLU B 46 -1.01 3.75 0.22
C GLU B 46 -1.39 4.44 1.49
N GLU B 47 -0.65 5.50 1.85
CA GLU B 47 -1.04 6.46 2.90
C GLU B 47 -1.19 7.83 2.19
N LYS B 48 -1.91 8.79 2.78
CA LYS B 48 -2.33 10.03 2.05
C LYS B 48 -2.11 11.35 2.77
N ALA B 49 -0.85 11.81 2.84
CA ALA B 49 -0.48 13.15 3.35
C ALA B 49 -1.03 14.34 2.49
N ARG B 50 -2.37 14.52 2.48
CA ARG B 50 -3.05 15.66 1.84
C ARG B 50 -2.77 15.76 0.35
N GLY B 51 -3.44 14.96 -0.47
CA GLY B 51 -3.14 15.03 -1.91
C GLY B 51 -1.85 14.30 -2.31
N ILE B 52 -0.92 14.09 -1.37
CA ILE B 52 0.25 13.24 -1.59
C ILE B 52 0.05 11.75 -1.18
N THR B 53 0.37 10.85 -2.10
CA THR B 53 0.30 9.42 -1.88
C THR B 53 1.69 8.87 -1.59
N ILE B 54 1.84 8.15 -0.49
CA ILE B 54 3.12 7.52 -0.14
C ILE B 54 2.87 6.03 0.11
N ASN B 55 3.55 5.17 -0.60
CA ASN B 55 3.45 3.75 -0.27
C ASN B 55 4.37 3.43 0.95
N THR B 56 3.73 3.09 2.08
CA THR B 56 4.40 2.86 3.37
C THR B 56 3.96 1.56 4.07
N ALA B 57 4.92 0.70 4.39
CA ALA B 57 4.70 -0.53 5.24
C ALA B 57 5.12 -0.25 6.67
N HIS B 58 4.31 -0.69 7.62
CA HIS B 58 4.57 -0.61 9.01
C HIS B 58 4.68 -2.00 9.58
N VAL B 59 5.75 -2.28 10.31
CA VAL B 59 5.82 -3.46 11.18
C VAL B 59 6.15 -3.05 12.57
N GLU B 60 5.84 -3.93 13.52
CA GLU B 60 6.11 -3.68 14.88
C GLU B 60 6.85 -4.87 15.43
N TYR B 61 7.73 -4.63 16.39
CA TYR B 61 8.46 -5.73 17.09
C TYR B 61 9.13 -5.20 18.30
N GLU B 62 9.53 -6.06 19.24
CA GLU B 62 10.21 -5.64 20.40
C GLU B 62 11.49 -6.46 20.61
N THR B 63 12.45 -5.82 21.25
CA THR B 63 13.68 -6.46 21.71
C THR B 63 13.46 -6.55 23.20
N GLU B 64 14.45 -7.06 23.91
CA GLU B 64 14.44 -7.12 25.37
C GLU B 64 14.19 -5.71 25.93
N ASN B 65 14.67 -4.69 25.24
CA ASN B 65 14.68 -3.31 25.75
C ASN B 65 13.54 -2.39 25.29
N ARG B 66 13.08 -2.47 24.04
CA ARG B 66 12.22 -1.45 23.52
C ARG B 66 11.25 -2.01 22.56
N HIS B 67 10.17 -1.27 22.36
CA HIS B 67 9.27 -1.47 21.27
C HIS B 67 9.62 -0.63 20.04
N TYR B 68 9.61 -1.24 18.88
CA TYR B 68 9.90 -0.57 17.65
C TYR B 68 8.74 -0.51 16.72
N ALA B 69 8.48 0.68 16.19
CA ALA B 69 7.62 0.81 15.01
C ALA B 69 8.54 1.10 13.84
N HIS B 70 8.47 0.24 12.83
CA HIS B 70 9.48 0.20 11.78
C HIS B 70 8.80 0.48 10.51
N VAL B 71 9.31 1.47 9.77
CA VAL B 71 8.76 1.77 8.40
C VAL B 71 9.67 1.30 7.36
N ASP B 72 9.08 0.79 6.29
CA ASP B 72 9.81 0.39 5.07
C ASP B 72 8.95 0.83 3.83
N CYS B 73 9.56 1.22 2.73
CA CYS B 73 8.84 1.89 1.62
C CYS B 73 9.41 1.27 0.34
N PRO B 74 8.56 1.06 -0.71
CA PRO B 74 9.09 0.40 -1.94
C PRO B 74 10.03 1.22 -2.75
N GLY B 75 9.70 2.49 -2.99
CA GLY B 75 10.47 3.27 -3.95
C GLY B 75 11.18 4.49 -3.30
N HIS B 76 12.28 4.89 -3.89
CA HIS B 76 12.93 6.15 -3.60
C HIS B 76 11.98 7.33 -3.42
N ALA B 77 11.02 7.51 -4.32
CA ALA B 77 10.09 8.63 -4.15
C ALA B 77 9.29 8.51 -2.88
N ASP B 78 9.02 7.27 -2.43
CA ASP B 78 8.29 7.12 -1.17
C ASP B 78 9.15 7.62 0.03
N TYR B 79 10.42 7.37 -0.06
CA TYR B 79 11.37 7.79 1.03
C TYR B 79 11.54 9.28 1.10
N VAL B 80 11.62 9.89 -0.08
CA VAL B 80 11.62 11.33 -0.20
C VAL B 80 10.46 11.95 0.50
N LYS B 81 9.24 11.55 0.12
CA LYS B 81 8.09 12.09 0.74
C LYS B 81 7.92 11.67 2.16
N ASN B 82 8.24 10.40 2.46
CA ASN B 82 8.07 9.96 3.86
C ASN B 82 8.95 10.76 4.83
N MET B 83 10.18 10.98 4.46
CA MET B 83 11.18 11.63 5.36
C MET B 83 10.87 13.10 5.53
N ILE B 84 10.37 13.73 4.47
CA ILE B 84 10.12 15.17 4.50
C ILE B 84 8.77 15.46 5.11
N THR B 85 7.77 14.61 4.81
CA THR B 85 6.39 14.90 5.33
C THR B 85 5.53 13.66 5.74
N GLY B 86 6.18 12.57 6.14
CA GLY B 86 5.49 11.35 6.53
C GLY B 86 4.99 11.45 7.91
N ALA B 87 4.06 10.55 8.22
CA ALA B 87 3.29 10.65 9.51
C ALA B 87 4.15 10.42 10.75
N ALA B 88 5.22 9.63 10.64
CA ALA B 88 6.15 9.41 11.80
C ALA B 88 7.59 9.88 11.41
N GLN B 89 8.14 10.84 12.17
CA GLN B 89 9.57 11.18 12.16
C GLN B 89 10.34 9.94 12.63
N MET B 90 11.45 9.63 11.99
CA MET B 90 12.29 8.55 12.45
C MET B 90 13.19 8.98 13.62
N ASP B 91 13.24 8.14 14.65
CA ASP B 91 14.11 8.32 15.77
C ASP B 91 15.48 7.74 15.47
N GLY B 92 15.53 6.96 14.42
CA GLY B 92 16.80 6.29 13.98
C GLY B 92 16.52 5.55 12.70
N ALA B 93 17.55 5.24 11.94
CA ALA B 93 17.40 4.49 10.71
C ALA B 93 18.40 3.37 10.60
N ILE B 94 18.00 2.31 9.90
CA ILE B 94 18.90 1.27 9.52
C ILE B 94 19.20 1.46 8.02
N LEU B 95 20.46 1.73 7.73
CA LEU B 95 20.94 1.93 6.37
C LEU B 95 21.39 0.60 5.84
N VAL B 96 20.67 0.12 4.84
CA VAL B 96 21.03 -1.14 4.21
C VAL B 96 21.86 -0.84 2.97
N VAL B 97 23.04 -1.40 2.93
CA VAL B 97 23.96 -1.31 1.82
C VAL B 97 24.38 -2.76 1.38
N SER B 98 24.13 -3.08 0.12
CA SER B 98 24.59 -4.35 -0.50
C SER B 98 26.11 -4.37 -0.57
N ALA B 99 26.73 -5.35 0.08
CA ALA B 99 28.14 -5.52 0.00
C ALA B 99 28.54 -5.93 -1.44
N ALA B 100 27.59 -6.37 -2.24
CA ALA B 100 27.90 -6.75 -3.63
C ALA B 100 27.95 -5.55 -4.56
N ASP B 101 27.28 -4.43 -4.24
CA ASP B 101 27.23 -3.22 -5.10
C ASP B 101 27.93 -2.00 -4.49
N GLY B 102 27.98 -1.92 -3.17
CA GLY B 102 28.57 -0.81 -2.48
C GLY B 102 27.55 0.29 -2.52
N PRO B 103 27.91 1.44 -1.99
CA PRO B 103 26.99 2.55 -1.98
C PRO B 103 26.52 2.98 -3.37
N MET B 104 25.27 3.37 -3.53
CA MET B 104 24.76 3.78 -4.82
C MET B 104 24.10 5.10 -4.57
N PRO B 105 23.56 5.72 -5.63
CA PRO B 105 23.10 7.06 -5.45
C PRO B 105 21.96 7.28 -4.45
N GLN B 106 21.05 6.32 -4.30
CA GLN B 106 20.05 6.47 -3.23
C GLN B 106 20.67 6.26 -1.81
N THR B 107 21.75 5.52 -1.71
CA THR B 107 22.55 5.42 -0.49
C THR B 107 22.94 6.81 -0.05
N ARG B 108 23.61 7.54 -0.95
CA ARG B 108 23.90 8.96 -0.73
C ARG B 108 22.69 9.79 -0.41
N GLU B 109 21.66 9.79 -1.29
CA GLU B 109 20.50 10.64 -1.07
C GLU B 109 19.83 10.36 0.22
N HIS B 110 19.78 9.09 0.64
CA HIS B 110 19.08 8.80 1.89
C HIS B 110 19.85 9.29 3.16
N ILE B 111 21.16 9.20 3.12
CA ILE B 111 22.04 9.73 4.15
C ILE B 111 21.91 11.24 4.20
N LEU B 112 21.92 11.84 3.01
CA LEU B 112 21.67 13.28 2.89
C LEU B 112 20.33 13.66 3.40
N LEU B 113 19.23 12.98 3.00
CA LEU B 113 17.93 13.29 3.58
C LEU B 113 17.85 13.09 5.08
N ALA B 114 18.46 11.97 5.57
CA ALA B 114 18.52 11.76 7.04
C ALA B 114 19.13 12.95 7.76
N ARG B 115 20.21 13.49 7.22
CA ARG B 115 20.84 14.67 7.76
C ARG B 115 19.86 15.87 7.69
N GLN B 116 19.28 16.09 6.53
CA GLN B 116 18.36 17.25 6.35
C GLN B 116 17.14 17.25 7.23
N VAL B 117 16.57 16.06 7.47
CA VAL B 117 15.40 15.91 8.37
C VAL B 117 15.76 15.62 9.82
N GLY B 118 17.06 15.59 10.17
CA GLY B 118 17.38 15.42 11.57
C GLY B 118 17.18 14.01 12.15
N VAL B 119 17.32 12.95 11.34
CA VAL B 119 17.37 11.57 11.90
C VAL B 119 18.51 11.49 12.89
N PRO B 120 18.23 11.14 14.16
CA PRO B 120 19.28 11.26 15.17
C PRO B 120 20.48 10.32 15.01
N TYR B 121 20.27 9.16 14.42
CA TYR B 121 21.30 8.13 14.44
C TYR B 121 21.03 7.10 13.33
N ILE B 122 22.11 6.66 12.71
CA ILE B 122 22.10 5.65 11.64
C ILE B 122 22.94 4.43 12.07
N VAL B 123 22.39 3.25 11.93
CA VAL B 123 23.14 2.00 12.08
C VAL B 123 23.12 1.33 10.72
N VAL B 124 24.17 0.68 10.35
CA VAL B 124 24.28 0.09 9.00
C VAL B 124 24.24 -1.44 9.01
N PHE B 125 23.47 -1.97 8.13
CA PHE B 125 23.46 -3.38 7.84
C PHE B 125 24.07 -3.60 6.44
N LEU B 126 25.28 -4.16 6.47
CA LEU B 126 26.03 -4.46 5.25
C LEU B 126 25.49 -5.83 4.81
N ASN B 127 24.67 -5.81 3.76
CA ASN B 127 23.84 -6.88 3.38
C ASN B 127 24.48 -7.71 2.28
N LYS B 128 23.89 -8.88 2.08
CA LYS B 128 24.38 -9.84 1.10
C LYS B 128 25.84 -10.26 1.28
N CYS B 129 26.35 -10.32 2.51
CA CYS B 129 27.64 -10.92 2.77
C CYS B 129 27.72 -12.45 2.47
N ASP B 130 26.58 -13.09 2.17
CA ASP B 130 26.63 -14.44 1.61
C ASP B 130 27.22 -14.45 0.22
N MET B 131 27.06 -13.36 -0.55
CA MET B 131 27.65 -13.23 -1.90
C MET B 131 29.13 -12.76 -1.90
N VAL B 132 29.75 -12.48 -0.77
CA VAL B 132 31.02 -11.81 -0.77
C VAL B 132 31.87 -12.25 0.40
N ASP B 133 32.81 -13.15 0.14
CA ASP B 133 33.76 -13.58 1.18
C ASP B 133 35.15 -12.92 1.05
N ASP B 134 35.38 -12.15 -0.02
CA ASP B 134 36.65 -11.43 -0.17
C ASP B 134 36.74 -10.30 0.89
N GLU B 135 37.50 -10.58 1.96
CA GLU B 135 37.79 -9.66 3.08
C GLU B 135 38.36 -8.30 2.67
N GLU B 136 39.05 -8.26 1.54
CA GLU B 136 39.50 -7.00 0.94
C GLU B 136 38.27 -6.17 0.44
N LEU B 137 37.40 -6.79 -0.35
CA LEU B 137 36.24 -6.11 -0.85
C LEU B 137 35.32 -5.62 0.33
N LEU B 138 35.17 -6.42 1.38
CA LEU B 138 34.29 -6.04 2.51
C LEU B 138 34.75 -4.77 3.19
N GLU B 139 36.02 -4.76 3.56
CA GLU B 139 36.62 -3.64 4.28
C GLU B 139 36.63 -2.43 3.37
N LEU B 140 36.75 -2.63 2.05
CA LEU B 140 36.62 -1.50 1.13
C LEU B 140 35.20 -0.89 1.16
N VAL B 141 34.18 -1.73 1.13
CA VAL B 141 32.82 -1.24 1.12
C VAL B 141 32.57 -0.50 2.44
N GLU B 142 32.97 -1.06 3.57
CA GLU B 142 32.79 -0.44 4.90
C GLU B 142 33.48 0.91 5.02
N MET B 143 34.69 1.03 4.45
CA MET B 143 35.40 2.33 4.39
C MET B 143 34.68 3.36 3.54
N GLU B 144 34.14 2.95 2.39
CA GLU B 144 33.34 3.84 1.60
C GLU B 144 32.06 4.32 2.34
N VAL B 145 31.38 3.37 2.99
CA VAL B 145 30.13 3.71 3.75
C VAL B 145 30.49 4.68 4.87
N ARG B 146 31.58 4.45 5.57
CA ARG B 146 31.99 5.30 6.66
C ARG B 146 32.32 6.71 6.16
N GLU B 147 33.05 6.78 5.04
CA GLU B 147 33.34 8.08 4.45
C GLU B 147 32.11 8.79 4.02
N LEU B 148 31.12 8.08 3.52
CA LEU B 148 29.93 8.71 2.99
C LEU B 148 29.07 9.29 4.18
N LEU B 149 28.91 8.50 5.21
CA LEU B 149 28.26 8.95 6.46
C LEU B 149 28.94 10.20 7.00
N SER B 150 30.27 10.20 7.06
CA SER B 150 31.01 11.35 7.57
C SER B 150 30.87 12.64 6.75
N GLU B 151 30.65 12.47 5.46
CA GLU B 151 30.45 13.57 4.55
C GLU B 151 29.23 14.34 4.92
N TYR B 152 28.21 13.68 5.41
CA TYR B 152 27.01 14.35 5.88
C TYR B 152 26.97 14.43 7.37
N GLU B 153 28.15 14.49 8.00
CA GLU B 153 28.29 14.79 9.41
C GLU B 153 27.77 13.77 10.36
N PHE B 154 27.49 12.57 9.92
CA PHE B 154 27.23 11.46 10.82
C PHE B 154 28.60 10.98 11.36
N PRO B 155 28.63 10.32 12.53
CA PRO B 155 29.89 9.89 13.21
C PRO B 155 30.38 8.59 12.60
N GLY B 156 30.94 8.72 11.40
CA GLY B 156 31.27 7.57 10.56
C GLY B 156 32.27 6.58 11.17
N ASP B 157 33.11 7.06 12.10
CA ASP B 157 33.98 6.18 12.90
C ASP B 157 33.25 5.43 14.03
N ASP B 158 32.16 5.99 14.58
CA ASP B 158 31.49 5.37 15.73
C ASP B 158 30.42 4.35 15.22
N ILE B 159 29.86 4.58 14.03
CA ILE B 159 28.64 3.88 13.62
C ILE B 159 28.83 2.41 13.48
N PRO B 160 27.92 1.65 14.06
CA PRO B 160 28.11 0.16 13.84
C PRO B 160 27.73 -0.35 12.46
N ILE B 161 28.55 -1.27 11.89
CA ILE B 161 28.25 -1.80 10.61
C ILE B 161 28.20 -3.32 10.82
N ILE B 162 27.01 -3.88 10.64
CA ILE B 162 26.80 -5.31 10.91
C ILE B 162 26.94 -5.97 9.51
N ARG B 163 27.79 -7.00 9.39
CA ARG B 163 27.91 -7.76 8.13
C ARG B 163 26.98 -8.93 8.14
N GLY B 164 25.95 -8.88 7.34
CA GLY B 164 25.01 -10.01 7.32
C GLY B 164 24.45 -10.39 6.01
N SER B 165 23.39 -11.23 6.11
CA SER B 165 22.56 -11.63 5.01
C SER B 165 21.14 -11.67 5.39
N ALA B 166 20.32 -10.77 4.82
CA ALA B 166 18.95 -10.72 5.17
C ALA B 166 18.26 -11.93 4.70
N LEU B 167 18.72 -12.43 3.55
CA LEU B 167 18.03 -13.55 2.86
C LEU B 167 18.29 -14.86 3.60
N LYS B 168 19.54 -15.12 3.93
CA LYS B 168 19.85 -16.32 4.71
C LYS B 168 19.21 -16.31 6.10
N ALA B 169 19.18 -15.14 6.74
CA ALA B 169 18.47 -15.02 8.03
C ALA B 169 16.95 -15.31 7.89
N LEU B 170 16.31 -14.75 6.88
CA LEU B 170 14.90 -14.97 6.64
C LEU B 170 14.61 -16.47 6.36
N GLU B 171 15.57 -17.16 5.73
CA GLU B 171 15.47 -18.60 5.46
C GLU B 171 15.70 -19.45 6.71
N GLY B 172 16.23 -18.90 7.79
CA GLY B 172 16.44 -19.64 9.04
C GLY B 172 17.86 -20.19 9.29
N GLU B 173 18.89 -19.75 8.52
CA GLU B 173 20.24 -20.23 8.77
C GLU B 173 20.85 -19.57 10.02
N ASN B 174 21.20 -20.38 10.99
CA ASN B 174 21.44 -19.88 12.31
C ASN B 174 22.54 -18.85 12.42
N GLU B 175 23.62 -19.06 11.68
CA GLU B 175 24.74 -18.19 11.74
C GLU B 175 24.44 -16.81 11.17
N TRP B 176 23.56 -16.76 10.16
CA TRP B 176 23.12 -15.47 9.66
C TRP B 176 22.07 -14.86 10.57
N VAL B 177 21.23 -15.69 11.16
CA VAL B 177 20.26 -15.19 12.11
C VAL B 177 20.97 -14.45 13.22
N ASP B 178 22.16 -14.90 13.64
CA ASP B 178 22.92 -14.27 14.68
C ASP B 178 23.17 -12.78 14.36
N LYS B 179 23.38 -12.50 13.09
CA LYS B 179 23.61 -11.12 12.63
C LYS B 179 22.40 -10.24 12.75
N ILE B 180 21.19 -10.81 12.69
CA ILE B 180 19.98 -10.05 13.03
C ILE B 180 19.98 -9.64 14.51
N TRP B 181 20.38 -10.58 15.39
CA TRP B 181 20.54 -10.26 16.77
C TRP B 181 21.62 -9.19 16.98
N GLU B 182 22.74 -9.31 16.26
CA GLU B 182 23.75 -8.29 16.40
C GLU B 182 23.23 -6.88 15.93
N LEU B 183 22.41 -6.87 14.87
CA LEU B 183 21.80 -5.65 14.47
C LEU B 183 20.85 -5.07 15.54
N MET B 184 20.00 -5.91 16.11
CA MET B 184 19.01 -5.44 17.11
C MET B 184 19.73 -4.92 18.37
N ASP B 185 20.87 -5.50 18.73
CA ASP B 185 21.67 -4.97 19.85
C ASP B 185 22.30 -3.58 19.54
N ALA B 186 22.79 -3.43 18.29
CA ALA B 186 23.24 -2.13 17.78
C ALA B 186 22.11 -1.09 17.79
N VAL B 187 20.91 -1.47 17.31
CA VAL B 187 19.74 -0.58 17.37
C VAL B 187 19.42 -0.13 18.80
N ASP B 188 19.33 -1.09 19.71
CA ASP B 188 19.05 -0.84 21.12
C ASP B 188 20.05 0.08 21.76
N SER B 189 21.33 -0.14 21.48
CA SER B 189 22.42 0.63 22.06
C SER B 189 22.72 2.01 21.48
N TYR B 190 22.60 2.19 20.17
CA TYR B 190 23.07 3.41 19.45
C TYR B 190 21.97 4.34 19.11
N ILE B 191 20.77 3.84 18.87
CA ILE B 191 19.65 4.74 18.58
C ILE B 191 19.06 5.22 19.95
N PRO B 192 19.19 6.53 20.23
CA PRO B 192 18.60 7.00 21.50
C PRO B 192 17.07 6.89 21.62
N THR B 193 16.61 6.77 22.84
CA THR B 193 15.18 6.75 23.06
C THR B 193 14.73 8.21 22.99
N PRO B 194 13.72 8.50 22.20
CA PRO B 194 13.27 9.85 22.03
C PRO B 194 12.62 10.34 23.31
N GLU B 195 12.68 11.63 23.52
CA GLU B 195 11.95 12.28 24.64
C GLU B 195 10.44 12.18 24.37
N ARG B 196 9.62 11.94 25.38
CA ARG B 196 8.14 12.06 25.16
C ARG B 196 7.62 13.51 24.96
N ASP B 197 6.64 13.75 24.09
CA ASP B 197 6.10 15.14 23.87
C ASP B 197 5.75 15.90 25.19
N VAL B 198 5.19 15.16 26.15
CA VAL B 198 4.75 15.79 27.40
C VAL B 198 5.93 16.15 28.27
N ASP B 199 7.11 15.55 28.06
CA ASP B 199 8.29 15.94 28.88
C ASP B 199 9.11 17.03 28.24
N LYS B 200 8.73 17.37 27.02
CA LYS B 200 9.41 18.44 26.34
C LYS B 200 8.94 19.75 26.88
N PRO B 201 9.67 20.82 26.57
CA PRO B 201 9.29 22.19 27.01
C PRO B 201 8.01 22.65 26.35
N PHE B 202 7.14 23.28 27.14
CA PHE B 202 5.85 23.76 26.68
C PHE B 202 5.97 24.55 25.38
N LEU B 203 5.07 24.23 24.46
CA LEU B 203 4.90 24.95 23.26
C LEU B 203 3.48 24.85 22.79
N MET B 204 2.89 25.99 22.49
CA MET B 204 1.56 26.11 21.85
C MET B 204 1.55 27.16 20.79
N PRO B 205 1.20 26.77 19.54
CA PRO B 205 1.03 27.75 18.47
C PRO B 205 -0.24 28.55 18.66
N VAL B 206 -0.18 29.87 18.50
CA VAL B 206 -1.33 30.72 18.69
C VAL B 206 -2.20 30.70 17.43
N GLU B 207 -3.47 30.35 17.58
CA GLU B 207 -4.47 30.39 16.49
C GLU B 207 -5.28 31.62 16.51
N ASP B 208 -5.78 32.00 17.66
CA ASP B 208 -6.62 33.14 17.71
C ASP B 208 -6.40 33.87 19.05
N VAL B 209 -6.75 35.15 19.08
CA VAL B 209 -6.58 36.03 20.22
C VAL B 209 -7.88 36.83 20.38
N PHE B 210 -8.44 36.82 21.58
CA PHE B 210 -9.53 37.78 21.88
C PHE B 210 -9.60 38.09 23.38
N THR B 211 -10.57 38.90 23.76
CA THR B 211 -10.71 39.38 25.11
C THR B 211 -11.94 38.67 25.65
N ILE B 212 -11.87 38.23 26.92
CA ILE B 212 -13.00 37.65 27.59
C ILE B 212 -13.25 38.46 28.82
N THR B 213 -14.43 39.06 28.85
CA THR B 213 -14.87 39.89 29.94
C THR B 213 -14.78 39.18 31.28
N GLY B 214 -14.09 39.80 32.22
CA GLY B 214 -13.89 39.16 33.56
C GLY B 214 -12.82 38.10 33.63
N ARG B 215 -12.05 37.93 32.56
CA ARG B 215 -11.01 36.86 32.51
C ARG B 215 -9.71 37.39 32.00
N GLY B 216 -9.75 38.07 30.85
CA GLY B 216 -8.57 38.73 30.29
C GLY B 216 -8.37 38.43 28.80
N THR B 217 -7.13 38.62 28.35
CA THR B 217 -6.77 38.38 26.94
C THR B 217 -6.31 36.99 26.76
N VAL B 218 -6.98 36.28 25.86
CA VAL B 218 -6.81 34.85 25.70
C VAL B 218 -6.22 34.57 24.33
N ALA B 219 -5.22 33.70 24.30
CA ALA B 219 -4.62 33.17 23.10
C ALA B 219 -4.99 31.71 23.01
N THR B 220 -5.67 31.31 21.92
CA THR B 220 -6.09 29.91 21.77
C THR B 220 -5.15 29.16 20.96
N GLY B 221 -5.17 27.87 21.16
CA GLY B 221 -4.41 26.96 20.35
C GLY B 221 -4.43 25.59 20.89
N ARG B 222 -3.72 24.71 20.19
CA ARG B 222 -3.53 23.38 20.65
C ARG B 222 -2.16 23.18 21.23
N VAL B 223 -2.07 22.74 22.49
CA VAL B 223 -0.78 22.42 23.07
C VAL B 223 -0.04 21.35 22.30
N GLU B 224 1.17 21.64 21.84
CA GLU B 224 1.93 20.70 21.03
C GLU B 224 2.78 19.85 21.87
N ARG B 225 3.41 20.45 22.88
CA ARG B 225 4.37 19.78 23.75
C ARG B 225 4.18 20.32 25.15
N GLY B 226 4.55 19.54 26.14
CA GLY B 226 4.61 19.99 27.54
C GLY B 226 3.27 20.25 28.15
N THR B 227 3.28 21.11 29.18
CA THR B 227 2.08 21.47 29.90
C THR B 227 2.07 23.00 30.25
N VAL B 228 0.91 23.48 30.56
CA VAL B 228 0.71 24.84 30.98
C VAL B 228 -0.38 24.96 32.02
N LYS B 229 -0.09 25.80 33.01
CA LYS B 229 -1.01 26.11 34.08
C LYS B 229 -0.85 27.54 34.58
N VAL B 230 -1.90 28.00 35.26
CA VAL B 230 -1.87 29.30 35.91
C VAL B 230 -0.65 29.45 36.78
N GLY B 231 0.01 30.63 36.67
CA GLY B 231 1.18 30.90 37.39
C GLY B 231 2.46 30.59 36.63
N ASP B 232 2.41 29.81 35.55
CA ASP B 232 3.65 29.54 34.81
C ASP B 232 4.10 30.85 34.11
N GLU B 233 5.39 30.99 33.91
CA GLU B 233 5.98 32.01 33.00
C GLU B 233 6.03 31.42 31.57
N VAL B 234 5.68 32.23 30.60
CA VAL B 234 5.76 31.82 29.18
C VAL B 234 6.34 33.00 28.42
N GLU B 235 7.02 32.67 27.34
CA GLU B 235 7.36 33.64 26.29
C GLU B 235 6.41 33.54 25.14
N ILE B 236 6.26 34.67 24.48
CA ILE B 236 5.46 34.87 23.26
C ILE B 236 6.47 35.16 22.17
N VAL B 237 6.69 34.21 21.29
CA VAL B 237 7.83 34.14 20.43
C VAL B 237 7.36 34.13 18.94
N GLY B 238 8.02 34.99 18.16
CA GLY B 238 7.85 35.07 16.71
C GLY B 238 7.13 36.36 16.36
N LEU B 239 7.36 36.79 15.11
CA LEU B 239 6.74 37.94 14.46
C LEU B 239 7.05 39.30 15.00
N ARG B 240 7.38 39.42 16.26
CA ARG B 240 7.71 40.72 16.88
C ARG B 240 8.62 40.34 18.02
N ASP B 241 9.10 41.34 18.75
CA ASP B 241 10.07 41.07 19.77
C ASP B 241 9.43 40.13 20.81
N THR B 242 10.22 39.21 21.28
CA THR B 242 9.78 38.26 22.31
C THR B 242 9.36 38.98 23.59
N ARG B 243 8.22 38.58 24.15
CA ARG B 243 7.79 39.13 25.46
C ARG B 243 7.60 37.97 26.44
N LYS B 244 7.90 38.19 27.70
CA LYS B 244 7.65 37.22 28.75
C LYS B 244 6.52 37.65 29.65
N THR B 245 5.66 36.74 30.04
CA THR B 245 4.59 37.06 30.98
C THR B 245 4.14 35.85 31.72
N VAL B 246 3.15 36.02 32.57
CA VAL B 246 2.61 34.97 33.42
C VAL B 246 1.29 34.54 32.85
N VAL B 247 1.08 33.20 32.80
CA VAL B 247 -0.24 32.61 32.49
C VAL B 247 -1.22 32.86 33.62
N THR B 248 -2.33 33.48 33.37
CA THR B 248 -3.30 33.82 34.43
C THR B 248 -4.46 32.84 34.48
N GLY B 249 -4.48 31.90 33.53
CA GLY B 249 -5.52 30.89 33.49
C GLY B 249 -5.45 30.08 32.19
N VAL B 250 -6.07 28.89 32.22
CA VAL B 250 -6.13 27.99 31.05
C VAL B 250 -7.57 27.51 31.00
N GLU B 251 -8.23 27.71 29.86
CA GLU B 251 -9.64 27.35 29.69
C GLU B 251 -9.84 26.36 28.54
N MET B 252 -10.87 25.52 28.62
CA MET B 252 -11.21 24.53 27.56
C MET B 252 -12.73 24.49 27.66
N PHE B 253 -13.42 24.69 26.56
CA PHE B 253 -14.89 24.75 26.54
C PHE B 253 -15.38 25.80 27.53
N ARG B 254 -14.75 26.96 27.54
CA ARG B 254 -15.16 28.05 28.42
C ARG B 254 -15.00 27.76 29.95
N LYS B 255 -14.44 26.63 30.36
CA LYS B 255 -14.19 26.34 31.78
C LYS B 255 -12.70 26.35 32.09
N LEU B 256 -12.38 26.89 33.26
CA LEU B 256 -10.99 26.92 33.73
C LEU B 256 -10.52 25.56 34.10
N LEU B 257 -9.34 25.15 33.63
CA LEU B 257 -8.69 23.91 33.95
C LEU B 257 -7.65 24.04 35.02
N ASP B 258 -7.36 22.96 35.71
CA ASP B 258 -6.10 22.89 36.48
C ASP B 258 -4.83 23.09 35.61
N GLU B 259 -4.83 22.44 34.45
CA GLU B 259 -3.63 22.40 33.60
C GLU B 259 -4.04 22.02 32.17
N GLY B 260 -3.29 22.52 31.20
CA GLY B 260 -3.44 22.12 29.80
C GLY B 260 -2.32 21.18 29.46
N MET B 261 -2.57 20.16 28.64
CA MET B 261 -1.55 19.14 28.34
C MET B 261 -1.41 19.00 26.82
N ALA B 262 -0.22 18.52 26.41
CA ALA B 262 0.09 18.18 25.01
C ALA B 262 -1.09 17.48 24.44
N GLY B 263 -1.76 18.08 23.46
CA GLY B 263 -2.96 17.51 22.86
C GLY B 263 -4.21 18.31 23.03
N ASP B 264 -4.33 19.03 24.15
CA ASP B 264 -5.52 19.82 24.46
C ASP B 264 -5.63 21.06 23.62
N ASN B 265 -6.85 21.35 23.14
CA ASN B 265 -7.24 22.63 22.55
C ASN B 265 -7.72 23.59 23.64
N VAL B 266 -6.93 24.63 23.95
CA VAL B 266 -7.14 25.50 25.09
C VAL B 266 -7.13 26.95 24.72
N GLY B 267 -7.54 27.79 25.65
CA GLY B 267 -7.37 29.23 25.67
C GLY B 267 -6.41 29.53 26.84
N VAL B 268 -5.33 30.24 26.59
CA VAL B 268 -4.37 30.64 27.64
C VAL B 268 -4.55 32.11 27.88
N LEU B 269 -4.87 32.48 29.12
CA LEU B 269 -4.97 33.87 29.50
C LEU B 269 -3.61 34.36 29.93
N LEU B 270 -3.30 35.60 29.54
CA LEU B 270 -1.95 36.18 29.64
C LEU B 270 -1.93 37.49 30.41
N ARG B 271 -1.09 37.56 31.43
CA ARG B 271 -0.97 38.74 32.26
C ARG B 271 -0.48 39.97 31.48
N GLY B 272 -1.22 41.05 31.61
CA GLY B 272 -0.71 42.39 31.20
C GLY B 272 -0.67 42.58 29.70
N ILE B 273 -1.39 41.74 28.97
CA ILE B 273 -1.33 41.63 27.49
C ILE B 273 -2.69 42.12 26.99
N GLN B 274 -2.68 43.05 26.04
CA GLN B 274 -3.89 43.51 25.35
C GLN B 274 -3.98 42.71 24.07
N ARG B 275 -5.13 42.73 23.42
CA ARG B 275 -5.39 41.88 22.23
C ARG B 275 -4.42 42.17 21.07
N GLU B 276 -3.92 43.39 20.95
CA GLU B 276 -2.98 43.75 19.87
C GLU B 276 -1.54 43.36 20.20
N ASP B 277 -1.26 42.89 21.42
CA ASP B 277 0.10 42.45 21.80
C ASP B 277 0.47 41.06 21.39
N VAL B 278 -0.52 40.27 20.96
CA VAL B 278 -0.27 38.88 20.62
C VAL B 278 -1.04 38.55 19.37
N GLU B 279 -0.50 37.69 18.54
CA GLU B 279 -1.16 37.36 17.25
C GLU B 279 -0.96 35.96 16.78
N ARG B 280 -1.84 35.58 15.89
CA ARG B 280 -1.82 34.31 15.21
C ARG B 280 -0.47 34.08 14.65
N GLY B 281 0.09 32.87 14.86
CA GLY B 281 1.44 32.58 14.30
C GLY B 281 2.61 32.70 15.30
N GLN B 282 2.40 33.52 16.33
CA GLN B 282 3.30 33.45 17.50
C GLN B 282 3.10 32.09 18.19
N VAL B 283 4.08 31.71 19.00
CA VAL B 283 3.93 30.55 19.86
C VAL B 283 4.08 31.01 21.28
N LEU B 284 3.35 30.36 22.18
CA LEU B 284 3.63 30.42 23.61
C LEU B 284 4.60 29.30 23.94
N ALA B 285 5.62 29.58 24.74
CA ALA B 285 6.67 28.62 24.98
C ALA B 285 7.32 28.81 26.33
N LYS B 286 7.78 27.70 26.90
CA LYS B 286 8.71 27.74 28.04
C LYS B 286 9.82 28.77 27.77
N PRO B 287 10.05 29.74 28.70
CA PRO B 287 11.04 30.79 28.40
C PRO B 287 12.39 30.21 28.05
N GLY B 288 12.99 30.72 27.01
CA GLY B 288 14.30 30.29 26.60
C GLY B 288 14.35 29.07 25.70
N SER B 289 13.24 28.34 25.55
CA SER B 289 13.27 27.07 24.88
C SER B 289 13.19 27.22 23.35
N ILE B 290 12.71 28.34 22.83
CA ILE B 290 12.64 28.50 21.38
C ILE B 290 12.96 29.92 21.01
N LYS B 291 13.63 30.10 19.89
CA LYS B 291 14.02 31.45 19.46
C LYS B 291 13.43 31.84 18.08
N PRO B 292 13.25 33.11 17.85
CA PRO B 292 12.68 33.57 16.57
C PRO B 292 13.80 33.70 15.51
N HIS B 293 13.54 33.32 14.26
CA HIS B 293 14.60 33.42 13.20
C HIS B 293 13.95 33.76 11.88
N THR B 294 14.71 34.37 11.01
CA THR B 294 14.21 34.73 9.68
C THR B 294 14.88 33.91 8.62
N LYS B 295 16.07 33.37 8.89
CA LYS B 295 16.80 32.71 7.89
C LYS B 295 17.13 31.31 8.16
N PHE B 296 16.95 30.46 7.17
CA PHE B 296 17.13 29.01 7.39
C PHE B 296 17.36 28.27 6.16
N GLU B 297 18.03 27.14 6.29
CA GLU B 297 18.07 26.16 5.20
C GLU B 297 17.00 25.08 5.46
N ALA B 298 16.50 24.53 4.36
CA ALA B 298 15.40 23.51 4.39
C ALA B 298 15.58 22.52 3.30
N GLU B 299 15.04 21.33 3.53
CA GLU B 299 14.84 20.35 2.49
C GLU B 299 13.34 20.39 2.12
N VAL B 300 13.03 20.43 0.83
CA VAL B 300 11.65 20.73 0.38
C VAL B 300 11.29 19.71 -0.68
N TYR B 301 10.10 19.11 -0.54
CA TYR B 301 9.53 18.30 -1.61
C TYR B 301 8.50 19.22 -2.33
N VAL B 302 8.67 19.38 -3.63
CA VAL B 302 7.77 20.17 -4.47
C VAL B 302 6.71 19.27 -5.10
N LEU B 303 5.46 19.58 -4.78
CA LEU B 303 4.34 18.73 -5.17
C LEU B 303 4.26 18.71 -6.71
N THR B 304 3.80 17.58 -7.25
CA THR B 304 3.38 17.48 -8.66
C THR B 304 2.00 18.14 -8.90
N LYS B 305 1.67 18.34 -10.17
CA LYS B 305 0.35 18.85 -10.52
C LYS B 305 -0.76 18.01 -9.90
N GLU B 306 -0.60 16.72 -10.09
CA GLU B 306 -1.54 15.66 -9.71
C GLU B 306 -1.77 15.66 -8.23
N GLU B 307 -0.76 16.05 -7.41
CA GLU B 307 -0.92 16.20 -5.97
C GLU B 307 -1.54 17.48 -5.53
N GLY B 308 -1.84 18.38 -6.47
CA GLY B 308 -2.45 19.65 -6.13
C GLY B 308 -1.52 20.82 -6.25
N GLY B 309 -0.32 20.59 -6.76
CA GLY B 309 0.69 21.63 -6.73
C GLY B 309 0.79 22.41 -8.03
N ARG B 310 1.94 23.01 -8.22
CA ARG B 310 2.25 23.79 -9.43
C ARG B 310 2.32 22.90 -10.66
N HIS B 311 2.15 23.50 -11.82
CA HIS B 311 2.36 22.74 -13.08
C HIS B 311 3.55 23.28 -13.89
N THR B 312 4.33 24.22 -13.35
CA THR B 312 5.51 24.77 -13.98
C THR B 312 6.63 24.89 -12.93
N PRO B 313 7.89 24.99 -13.37
CA PRO B 313 8.98 25.13 -12.43
C PRO B 313 9.03 26.49 -11.80
N PHE B 314 9.76 26.56 -10.68
CA PHE B 314 10.21 27.86 -10.21
C PHE B 314 11.70 27.98 -10.22
N PHE B 315 12.15 29.20 -9.97
CA PHE B 315 13.53 29.60 -10.19
C PHE B 315 14.05 30.26 -8.96
N ASN B 316 15.36 30.52 -9.00
CA ASN B 316 16.04 31.26 -7.98
C ASN B 316 15.31 32.57 -7.71
N GLY B 317 15.15 32.94 -6.44
CA GLY B 317 14.36 34.10 -6.07
C GLY B 317 12.84 34.01 -5.91
N TYR B 318 12.27 32.85 -6.14
CA TYR B 318 10.85 32.56 -5.88
C TYR B 318 10.48 33.02 -4.49
N ARG B 319 9.37 33.71 -4.39
CA ARG B 319 8.99 34.38 -3.16
C ARG B 319 7.58 34.02 -2.73
N PRO B 320 7.37 32.73 -2.38
CA PRO B 320 6.05 32.30 -1.99
C PRO B 320 5.79 32.52 -0.52
N GLN B 321 4.69 31.92 -0.03
CA GLN B 321 4.37 31.91 1.43
C GLN B 321 4.84 30.66 2.14
N PHE B 322 5.36 30.85 3.34
CA PHE B 322 5.81 29.75 4.19
C PHE B 322 4.89 29.67 5.37
N TYR B 323 4.22 28.51 5.42
CA TYR B 323 3.16 28.27 6.45
C TYR B 323 3.81 27.49 7.63
N PHE B 324 4.06 28.20 8.71
CA PHE B 324 4.62 27.63 9.94
C PHE B 324 3.50 27.56 11.00
N ARG B 325 3.05 26.35 11.25
CA ARG B 325 2.06 25.95 12.26
C ARG B 325 0.68 26.50 12.00
N THR B 326 0.51 27.81 12.11
CA THR B 326 -0.76 28.51 12.02
C THR B 326 -0.80 29.72 11.16
N THR B 327 0.34 30.13 10.51
CA THR B 327 0.34 31.37 9.77
C THR B 327 1.34 31.32 8.63
N ASP B 328 1.07 32.08 7.57
CA ASP B 328 1.93 32.17 6.40
C ASP B 328 2.85 33.34 6.66
N VAL B 329 4.09 33.23 6.22
CA VAL B 329 4.99 34.38 6.17
C VAL B 329 5.73 34.34 4.83
N THR B 330 5.81 35.47 4.18
CA THR B 330 6.55 35.53 2.91
C THR B 330 7.98 35.27 3.09
N GLY B 331 8.58 34.50 2.17
CA GLY B 331 9.97 34.33 2.15
C GLY B 331 10.55 34.24 0.74
N VAL B 332 11.82 34.65 0.64
CA VAL B 332 12.63 34.51 -0.57
C VAL B 332 13.53 33.31 -0.56
N ILE B 333 13.45 32.53 -1.65
CA ILE B 333 14.24 31.35 -1.82
C ILE B 333 15.51 31.57 -2.58
N THR B 334 16.61 31.15 -2.02
CA THR B 334 17.88 31.00 -2.75
C THR B 334 18.22 29.58 -2.97
N LEU B 335 18.38 29.21 -4.22
CA LEU B 335 18.69 27.86 -4.57
C LEU B 335 20.18 27.61 -4.46
N PRO B 336 20.58 26.37 -4.20
CA PRO B 336 22.02 26.10 -4.05
C PRO B 336 22.73 26.25 -5.38
N GLU B 337 24.06 26.30 -5.26
CA GLU B 337 25.02 26.40 -6.38
C GLU B 337 24.77 25.26 -7.31
N GLY B 338 24.56 25.57 -8.57
CA GLY B 338 24.30 24.53 -9.54
C GLY B 338 22.83 24.26 -9.74
N VAL B 339 21.93 24.82 -8.91
CA VAL B 339 20.50 24.49 -9.07
C VAL B 339 19.86 25.77 -9.50
N GLU B 340 19.29 25.73 -10.66
CA GLU B 340 18.72 26.90 -11.28
C GLU B 340 17.18 26.88 -11.45
N MET B 341 16.61 25.70 -11.47
CA MET B 341 15.18 25.58 -11.79
C MET B 341 14.68 24.44 -10.94
N VAL B 342 13.47 24.57 -10.41
CA VAL B 342 12.90 23.42 -9.60
C VAL B 342 11.58 22.94 -10.21
N MET B 343 11.50 21.69 -10.58
CA MET B 343 10.30 21.19 -11.27
C MET B 343 9.31 20.62 -10.24
N PRO B 344 8.02 20.63 -10.59
CA PRO B 344 7.02 19.88 -9.82
C PRO B 344 7.48 18.47 -9.63
N GLY B 345 7.49 18.03 -8.38
CA GLY B 345 7.95 16.64 -8.08
C GLY B 345 9.40 16.53 -7.62
N ASP B 346 10.16 17.61 -7.71
CA ASP B 346 11.59 17.61 -7.31
C ASP B 346 11.68 17.72 -5.83
N ASN B 347 12.77 17.24 -5.25
CA ASN B 347 13.08 17.64 -3.89
C ASN B 347 14.43 18.33 -3.89
N VAL B 348 14.57 19.40 -3.13
CA VAL B 348 15.80 20.21 -3.16
C VAL B 348 16.09 20.80 -1.81
N THR B 349 17.36 21.16 -1.60
CA THR B 349 17.78 22.01 -0.49
C THR B 349 17.67 23.44 -0.92
N MET B 350 17.30 24.29 -0.02
CA MET B 350 17.20 25.74 -0.31
C MET B 350 17.55 26.52 0.92
N THR B 351 17.89 27.78 0.69
CA THR B 351 17.93 28.77 1.72
C THR B 351 16.76 29.69 1.59
N VAL B 352 16.17 30.07 2.73
CA VAL B 352 15.03 30.94 2.82
C VAL B 352 15.28 32.10 3.74
N GLU B 353 14.78 33.24 3.35
CA GLU B 353 14.74 34.38 4.17
C GLU B 353 13.36 34.94 4.23
N LEU B 354 12.78 34.79 5.41
CA LEU B 354 11.47 35.27 5.71
C LEU B 354 11.43 36.77 5.95
N ILE B 355 10.27 37.39 5.64
CA ILE B 355 10.12 38.81 5.90
C ILE B 355 9.82 39.11 7.36
N HIS B 356 9.41 38.13 8.16
CA HIS B 356 9.24 38.38 9.61
C HIS B 356 9.79 37.16 10.29
N PRO B 357 10.34 37.31 11.50
CA PRO B 357 10.76 36.12 12.19
C PRO B 357 9.63 35.18 12.66
N ILE B 358 9.98 33.92 12.78
CA ILE B 358 9.09 32.82 13.26
C ILE B 358 9.87 32.04 14.28
N ALA B 359 9.19 31.57 15.32
CA ALA B 359 9.80 30.66 16.26
C ALA B 359 10.10 29.38 15.57
N MET B 360 11.34 28.96 15.57
CA MET B 360 11.67 27.76 14.85
C MET B 360 12.87 27.09 15.40
N GLU B 361 12.95 25.83 15.05
CA GLU B 361 14.06 25.05 15.36
C GLU B 361 14.22 24.07 14.30
N GLU B 362 15.37 23.44 14.28
CA GLU B 362 15.68 22.35 13.35
C GLU B 362 14.72 21.20 13.49
N GLY B 363 14.19 20.72 12.35
CA GLY B 363 13.10 19.76 12.35
C GLY B 363 11.69 20.24 12.16
N LEU B 364 11.41 21.54 12.27
CA LEU B 364 10.12 22.10 12.21
C LEU B 364 9.72 21.91 10.73
N ARG B 365 8.51 21.41 10.55
CA ARG B 365 7.91 21.24 9.22
C ARG B 365 7.18 22.49 8.85
N PHE B 366 7.01 22.69 7.53
CA PHE B 366 6.28 23.76 7.03
C PHE B 366 5.70 23.37 5.61
N ALA B 367 4.73 24.17 5.19
CA ALA B 367 4.26 24.13 3.82
C ALA B 367 4.72 25.37 3.08
N ILE B 368 4.86 25.25 1.77
CA ILE B 368 5.06 26.36 0.92
C ILE B 368 3.69 26.51 0.23
N ARG B 369 3.19 27.73 0.23
CA ARG B 369 1.86 28.05 -0.36
C ARG B 369 1.92 29.20 -1.35
N GLU B 370 1.03 29.14 -2.34
CA GLU B 370 0.91 30.20 -3.29
C GLU B 370 -0.56 30.22 -3.78
N GLY B 371 -1.21 31.37 -3.73
CA GLY B 371 -2.55 31.61 -4.24
C GLY B 371 -3.56 30.74 -3.50
N GLY B 372 -3.28 30.45 -2.22
CA GLY B 372 -4.10 29.55 -1.40
C GLY B 372 -4.03 28.06 -1.66
N ARG B 373 -3.04 27.56 -2.42
CA ARG B 373 -2.76 26.14 -2.44
C ARG B 373 -1.33 25.78 -1.93
N THR B 374 -1.18 24.57 -1.46
CA THR B 374 0.12 24.06 -1.05
C THR B 374 0.90 23.59 -2.26
N VAL B 375 2.06 24.17 -2.43
CA VAL B 375 2.93 23.76 -3.50
C VAL B 375 4.20 22.98 -3.10
N GLY B 376 4.48 22.94 -1.78
CA GLY B 376 5.69 22.33 -1.25
C GLY B 376 5.50 21.87 0.19
N ALA B 377 6.26 20.86 0.58
CA ALA B 377 6.35 20.44 1.96
C ALA B 377 7.85 20.48 2.33
N GLY B 378 8.17 21.15 3.45
CA GLY B 378 9.53 21.33 3.84
C GLY B 378 9.81 21.00 5.28
N VAL B 379 11.09 20.75 5.54
CA VAL B 379 11.62 20.64 6.92
C VAL B 379 12.82 21.61 7.09
N VAL B 380 12.82 22.32 8.20
CA VAL B 380 13.92 23.23 8.55
C VAL B 380 15.13 22.36 8.87
N SER B 381 16.20 22.49 8.12
CA SER B 381 17.35 21.64 8.31
C SER B 381 18.50 22.37 9.04
N LYS B 382 18.57 23.70 8.97
CA LYS B 382 19.69 24.44 9.64
C LYS B 382 19.25 25.85 9.83
N ILE B 383 19.41 26.38 11.01
CA ILE B 383 19.15 27.75 11.23
C ILE B 383 20.38 28.55 10.86
N ILE B 384 20.23 29.69 10.17
CA ILE B 384 21.39 30.50 9.75
C ILE B 384 21.34 31.80 10.59
N GLU B 385 22.36 32.14 11.41
CA GLU B 385 22.46 33.45 12.14
C GLU B 385 23.46 34.33 11.46
PB GDP C . -19.37 0.32 -26.88
O1B GDP C . -20.10 -1.06 -26.74
O2B GDP C . -19.16 0.92 -25.55
O3B GDP C . -18.32 0.23 -27.95
O3A GDP C . -20.54 1.22 -27.67
PA GDP C . -21.13 2.65 -27.14
O1A GDP C . -21.83 2.68 -25.80
O2A GDP C . -19.91 3.56 -27.20
O5' GDP C . -22.01 3.06 -28.42
C5' GDP C . -21.62 3.01 -29.79
C4' GDP C . -22.52 3.93 -30.62
O4' GDP C . -23.87 3.38 -30.70
C3' GDP C . -22.65 5.33 -29.99
O3' GDP C . -22.96 6.30 -30.98
C2' GDP C . -23.85 5.22 -29.08
O2' GDP C . -24.38 6.51 -28.68
C1' GDP C . -24.74 4.27 -29.94
N9 GDP C . -25.79 3.62 -29.10
C8 GDP C . -25.67 3.12 -27.84
N7 GDP C . -26.85 2.65 -27.36
C5 GDP C . -27.74 2.83 -28.33
C6 GDP C . -29.16 2.55 -28.42
O6 GDP C . -29.76 2.02 -27.43
N1 GDP C . -29.76 2.89 -29.58
C2 GDP C . -29.10 3.50 -30.60
N2 GDP C . -29.78 3.81 -31.75
N3 GDP C . -27.78 3.79 -30.57
C4 GDP C . -27.07 3.47 -29.46
MG MG D . -17.21 1.49 -24.71
PB GDP E . 14.76 -3.52 -1.27
O1B GDP E . 14.21 -2.79 -2.55
O2B GDP E . 13.47 -3.65 -0.50
O3B GDP E . 15.96 -2.78 -0.73
O3A GDP E . 15.47 -4.93 -1.65
PA GDP E . 14.57 -6.36 -1.38
O1A GDP E . 13.20 -6.30 -1.98
O2A GDP E . 14.56 -6.76 0.09
O5' GDP E . 15.66 -7.31 -1.94
C5' GDP E . 16.04 -7.28 -3.35
C4' GDP E . 16.59 -8.59 -3.91
O4' GDP E . 17.80 -8.98 -3.27
C3' GDP E . 15.66 -9.79 -3.72
O3' GDP E . 15.81 -10.78 -4.78
C2' GDP E . 16.16 -10.40 -2.42
O2' GDP E . 15.67 -11.73 -2.21
C1' GDP E . 17.66 -10.26 -2.60
N9 GDP E . 18.36 -10.27 -1.31
C8 GDP E . 18.02 -9.52 -0.22
N7 GDP E . 18.90 -9.74 0.78
C5 GDP E . 19.80 -10.64 0.35
C6 GDP E . 20.96 -11.28 0.93
O6 GDP E . 21.37 -11.07 2.10
N1 GDP E . 21.65 -12.14 0.13
C2 GDP E . 21.24 -12.36 -1.14
N2 GDP E . 21.98 -13.22 -1.87
N3 GDP E . 20.22 -11.79 -1.73
C4 GDP E . 19.45 -10.95 -1.04
MG MG F . 11.59 -2.99 -0.51
#